data_1AHF
#
_entry.id   1AHF
#
_cell.length_a   85.920
_cell.length_b   79.390
_cell.length_c   88.800
_cell.angle_alpha   90.00
_cell.angle_beta   118.99
_cell.angle_gamma   90.00
#
_symmetry.space_group_name_H-M   'P 1 21 1'
#
loop_
_entity.id
_entity.type
_entity.pdbx_description
1 polymer 'ASPARTATE AMINOTRANSFERASE'
2 non-polymer "PYRIDOXAL-5'-PHOSPHATE"
3 non-polymer 'INDOLYLPROPIONIC ACID'
4 non-polymer 'SULFATE ION'
5 water water
#
_entity_poly.entity_id   1
_entity_poly.type   'polypeptide(L)'
_entity_poly.pdbx_seq_one_letter_code
;MFENITAAPADPILGLADLFRADERPGKINLGIGLYYDETGKIPVLTSVKKAEQYLLENETTKLYLGIDGIPEFGRCTQE
LLFGKGSALINDKRARTAQTPGGSGALRVAADFLAKNTSVKRVWVSNPSWPNHKSVFNSAGLEVREYAYYDAENHTLDFD
ALINSLNEAQAGDVVLFHGCCHNPTGIDPTLEQWQTLAQLSVEKGWLPLFDFAYQGFARGLEEDAEGLRAFAAMHKELIV
ASSYSKNFGLYNERVGACTLVAADSETVDRAFSQMKAAIRANYSSPPAHGASVVATILSNDALRAIWEQELTDMRQRIQR
MRQLFVNTLQEKGANRDFSFIIKQNGMFSFSGLTKEQVLRLREEFGVYAVASGRVNVAGMTPDNMAPLCEAIVAVL
;
_entity_poly.pdbx_strand_id   A,B
#
# COMPACT_ATOMS: atom_id res chain seq x y z
N MET A 1 -5.84 26.37 -6.56
CA MET A 1 -5.91 25.64 -5.32
C MET A 1 -4.57 25.14 -4.85
N PHE A 2 -3.66 25.05 -5.79
CA PHE A 2 -2.32 24.55 -5.58
C PHE A 2 -1.27 25.62 -5.71
N GLU A 3 -1.73 26.84 -6.00
CA GLU A 3 -0.88 28.01 -6.17
C GLU A 3 0.17 28.26 -5.10
N ASN A 4 -0.27 28.12 -3.86
CA ASN A 4 0.52 28.43 -2.67
C ASN A 4 1.20 27.26 -2.00
N ILE A 5 1.11 26.09 -2.61
CA ILE A 5 1.76 24.96 -2.03
C ILE A 5 3.29 25.12 -2.03
N THR A 6 3.86 24.91 -0.86
CA THR A 6 5.27 24.98 -0.77
C THR A 6 5.78 23.57 -1.08
N ALA A 7 6.95 23.50 -1.69
CA ALA A 7 7.58 22.24 -2.00
C ALA A 7 8.01 21.64 -0.69
N ALA A 8 8.05 20.32 -0.63
CA ALA A 8 8.49 19.75 0.62
C ALA A 8 9.99 19.57 0.62
N PRO A 9 10.53 19.18 1.77
CA PRO A 9 11.95 18.90 1.87
C PRO A 9 12.10 17.45 1.49
N ALA A 10 13.12 17.15 0.71
CA ALA A 10 13.30 15.79 0.26
C ALA A 10 13.66 14.82 1.36
N ASP A 11 13.36 13.54 1.11
CA ASP A 11 13.67 12.54 2.09
C ASP A 11 15.17 12.55 2.30
N PRO A 12 15.57 12.66 3.57
CA PRO A 12 16.99 12.69 3.84
C PRO A 12 17.67 11.43 3.32
N ILE A 13 16.87 10.36 3.12
CA ILE A 13 17.45 9.15 2.60
C ILE A 13 17.09 9.00 1.16
N LEU A 14 15.79 8.93 0.91
CA LEU A 14 15.31 8.77 -0.43
C LEU A 14 15.90 9.85 -1.36
N GLY A 15 15.99 11.06 -0.84
CA GLY A 15 16.48 12.20 -1.58
C GLY A 15 17.81 11.96 -2.25
N LEU A 16 18.77 11.44 -1.49
CA LEU A 16 20.11 11.13 -1.91
C LEU A 16 20.13 10.21 -3.11
N ALA A 17 19.28 9.19 -3.07
CA ALA A 17 19.21 8.24 -4.17
C ALA A 17 19.02 9.00 -5.47
N ASP A 18 18.18 10.02 -5.42
CA ASP A 18 17.97 10.82 -6.60
C ASP A 18 19.29 11.44 -7.03
N LEU A 19 19.95 12.16 -6.12
CA LEU A 19 21.24 12.78 -6.39
C LEU A 19 22.20 11.76 -6.98
N PHE A 20 22.25 10.62 -6.34
CA PHE A 20 23.09 9.56 -6.77
C PHE A 20 22.88 9.24 -8.21
N ARG A 21 21.60 9.04 -8.53
CA ARG A 21 21.19 8.73 -9.87
C ARG A 21 21.78 9.78 -10.79
N ALA A 22 21.33 11.00 -10.58
CA ALA A 22 21.75 12.14 -11.37
C ALA A 22 23.26 12.40 -11.49
N ASP A 23 24.06 11.76 -10.65
CA ASP A 23 25.51 11.98 -10.63
C ASP A 23 26.23 11.19 -11.70
N GLU A 24 26.81 11.89 -12.67
CA GLU A 24 27.50 11.25 -13.79
C GLU A 24 28.91 10.74 -13.51
N ARG A 25 29.51 11.21 -12.42
CA ARG A 25 30.86 10.81 -12.01
C ARG A 25 31.04 9.30 -12.04
N PRO A 26 31.85 8.88 -12.96
CA PRO A 26 32.20 7.49 -13.21
C PRO A 26 32.30 6.51 -12.04
N GLY A 27 33.14 6.76 -11.04
CA GLY A 27 33.28 5.78 -9.96
C GLY A 27 32.53 6.05 -8.64
N LYS A 28 31.30 6.57 -8.73
CA LYS A 28 30.49 6.85 -7.53
C LYS A 28 30.24 5.62 -6.69
N ILE A 29 30.25 5.82 -5.39
CA ILE A 29 29.98 4.76 -4.46
C ILE A 29 28.75 5.08 -3.66
N ASN A 30 27.87 4.13 -3.46
CA ASN A 30 26.63 4.44 -2.78
C ASN A 30 26.42 3.71 -1.49
N LEU A 31 26.82 4.39 -0.40
CA LEU A 31 26.68 3.89 0.95
C LEU A 31 25.49 4.50 1.71
N GLY A 32 24.51 5.04 0.96
CA GLY A 32 23.35 5.67 1.56
C GLY A 32 22.27 4.72 2.04
N ILE A 33 21.24 4.57 1.20
CA ILE A 33 20.09 3.73 1.46
C ILE A 33 20.51 2.32 1.77
N GLY A 34 19.72 1.67 2.61
CA GLY A 34 20.05 0.31 3.02
C GLY A 34 19.60 -0.75 2.02
N LEU A 35 20.50 -1.11 1.13
CA LEU A 35 20.16 -2.11 0.15
C LEU A 35 21.30 -3.09 0.27
N TYR A 36 21.05 -4.40 0.18
CA TYR A 36 22.16 -5.35 0.29
C TYR A 36 22.77 -5.55 -1.09
N TYR A 37 24.07 -5.29 -1.27
CA TYR A 37 24.73 -5.50 -2.56
C TYR A 37 25.58 -6.75 -2.48
N ASP A 38 25.96 -7.32 -3.60
CA ASP A 38 26.77 -8.50 -3.58
C ASP A 38 28.14 -8.18 -4.09
N GLU A 39 29.10 -9.13 -3.89
CA GLU A 39 30.51 -9.00 -4.28
C GLU A 39 30.69 -8.19 -5.53
N THR A 40 29.79 -8.41 -6.46
CA THR A 40 29.87 -7.76 -7.74
C THR A 40 29.23 -6.40 -7.76
N GLY A 41 28.60 -6.04 -6.66
CA GLY A 41 28.00 -4.74 -6.58
C GLY A 41 26.64 -4.66 -7.20
N LYS A 42 25.91 -5.75 -7.16
CA LYS A 42 24.57 -5.69 -7.69
C LYS A 42 23.52 -5.99 -6.60
N ILE A 43 22.30 -5.56 -6.82
CA ILE A 43 21.22 -5.82 -5.87
C ILE A 43 20.33 -6.86 -6.50
N PRO A 44 20.67 -8.08 -6.25
CA PRO A 44 20.01 -9.24 -6.85
C PRO A 44 18.72 -9.77 -6.24
N VAL A 45 18.05 -10.57 -7.07
CA VAL A 45 16.89 -11.30 -6.67
C VAL A 45 17.41 -12.62 -6.09
N LEU A 46 16.85 -13.01 -4.98
CA LEU A 46 17.29 -14.21 -4.32
C LEU A 46 16.87 -15.39 -5.19
N THR A 47 17.62 -16.47 -5.17
CA THR A 47 17.28 -17.65 -5.96
C THR A 47 15.95 -18.21 -5.50
N SER A 48 15.81 -18.42 -4.17
CA SER A 48 14.58 -18.91 -3.53
C SER A 48 13.37 -18.08 -3.99
N VAL A 49 13.57 -16.76 -4.22
CA VAL A 49 12.52 -15.86 -4.69
C VAL A 49 12.16 -16.19 -6.14
N LYS A 50 13.18 -16.22 -7.05
CA LYS A 50 12.92 -16.57 -8.45
C LYS A 50 12.20 -17.92 -8.49
N LYS A 51 12.67 -18.86 -7.70
CA LYS A 51 11.97 -20.14 -7.65
C LYS A 51 10.52 -20.01 -7.22
N ALA A 52 10.26 -19.24 -6.15
CA ALA A 52 8.89 -19.11 -5.72
C ALA A 52 8.08 -18.37 -6.76
N GLU A 53 8.71 -17.47 -7.49
CA GLU A 53 8.01 -16.72 -8.48
C GLU A 53 7.52 -17.56 -9.67
N GLN A 54 8.33 -18.56 -10.07
CA GLN A 54 7.98 -19.41 -11.18
C GLN A 54 6.81 -20.24 -10.77
N TYR A 55 6.93 -20.68 -9.55
CA TYR A 55 5.88 -21.47 -8.92
C TYR A 55 4.58 -20.72 -8.99
N LEU A 56 4.57 -19.47 -8.61
CA LEU A 56 3.33 -18.73 -8.71
C LEU A 56 2.88 -18.57 -10.13
N LEU A 57 3.83 -18.25 -11.01
CA LEU A 57 3.56 -18.06 -12.43
C LEU A 57 2.76 -19.22 -13.00
N GLU A 58 3.20 -20.41 -12.62
CA GLU A 58 2.61 -21.60 -13.13
C GLU A 58 1.40 -22.03 -12.38
N ASN A 59 1.30 -21.63 -11.12
CA ASN A 59 0.18 -22.11 -10.32
C ASN A 59 -0.98 -21.15 -10.07
N GLU A 60 -0.73 -19.87 -10.13
CA GLU A 60 -1.82 -18.97 -9.87
C GLU A 60 -2.93 -19.08 -10.87
N THR A 61 -4.16 -19.23 -10.39
CA THR A 61 -5.28 -19.23 -11.30
C THR A 61 -6.19 -18.00 -11.13
N THR A 62 -5.89 -17.05 -10.22
CA THR A 62 -6.75 -15.88 -10.06
C THR A 62 -6.05 -14.75 -9.37
N LYS A 63 -6.47 -13.53 -9.65
CA LYS A 63 -5.86 -12.37 -9.01
C LYS A 63 -6.82 -11.81 -7.96
N LEU A 64 -7.87 -12.56 -7.65
CA LEU A 64 -8.94 -12.29 -6.65
C LEU A 64 -8.47 -11.52 -5.43
N TYR A 65 -9.18 -10.44 -5.06
CA TYR A 65 -8.79 -9.62 -3.88
C TYR A 65 -8.40 -10.42 -2.65
N LEU A 66 -7.34 -10.03 -1.96
CA LEU A 66 -7.07 -10.79 -0.77
C LEU A 66 -7.91 -10.18 0.35
N GLY A 67 -7.93 -10.83 1.51
CA GLY A 67 -8.65 -10.31 2.64
C GLY A 67 -7.91 -9.06 3.10
N ILE A 68 -8.57 -8.21 3.89
CA ILE A 68 -7.96 -6.98 4.38
C ILE A 68 -6.68 -7.28 5.11
N ASP A 69 -6.65 -8.40 5.78
CA ASP A 69 -5.44 -8.78 6.49
C ASP A 69 -4.47 -9.60 5.63
N GLY A 70 -4.87 -9.87 4.38
CA GLY A 70 -3.98 -10.61 3.45
C GLY A 70 -4.00 -12.14 3.55
N ILE A 71 -2.87 -12.75 3.16
CA ILE A 71 -2.69 -14.22 3.13
C ILE A 71 -2.58 -14.86 4.50
N PRO A 72 -3.54 -15.71 4.86
CA PRO A 72 -3.52 -16.33 6.15
C PRO A 72 -2.23 -17.05 6.47
N GLU A 73 -1.72 -17.84 5.51
CA GLU A 73 -0.49 -18.62 5.67
C GLU A 73 0.69 -17.74 6.00
N PHE A 74 0.66 -16.56 5.40
CA PHE A 74 1.69 -15.54 5.58
C PHE A 74 1.71 -15.07 7.01
N GLY A 75 0.47 -14.88 7.57
CA GLY A 75 0.30 -14.45 8.93
C GLY A 75 0.87 -15.50 9.85
N ARG A 76 0.47 -16.71 9.65
CA ARG A 76 0.89 -17.85 10.44
C ARG A 76 2.39 -17.94 10.47
N CYS A 77 2.97 -17.85 9.27
CA CYS A 77 4.42 -17.93 9.10
C CYS A 77 5.16 -16.81 9.78
N THR A 78 4.66 -15.60 9.65
CA THR A 78 5.28 -14.47 10.31
C THR A 78 5.22 -14.64 11.84
N GLN A 79 4.06 -15.12 12.38
CA GLN A 79 3.96 -15.27 13.82
C GLN A 79 5.02 -16.22 14.31
N GLU A 80 5.22 -17.28 13.55
CA GLU A 80 6.22 -18.26 13.96
C GLU A 80 7.63 -17.79 13.94
N LEU A 81 7.93 -17.00 12.96
CA LEU A 81 9.26 -16.44 12.83
C LEU A 81 9.53 -15.43 13.97
N LEU A 82 8.45 -14.68 14.33
CA LEU A 82 8.44 -13.67 15.37
C LEU A 82 8.57 -14.27 16.78
N PHE A 83 7.49 -14.91 17.22
CA PHE A 83 7.40 -15.49 18.55
C PHE A 83 7.98 -16.87 18.77
N GLY A 84 8.18 -17.66 17.71
CA GLY A 84 8.73 -19.02 17.85
C GLY A 84 7.65 -20.10 17.75
N LYS A 85 8.09 -21.24 17.22
CA LYS A 85 7.28 -22.43 16.98
C LYS A 85 6.08 -22.72 17.87
N GLY A 86 6.34 -22.97 19.14
CA GLY A 86 5.23 -23.31 20.04
C GLY A 86 4.93 -22.22 21.04
N SER A 87 4.92 -20.98 20.61
CA SER A 87 4.62 -19.97 21.59
C SER A 87 3.21 -20.09 22.11
N ALA A 88 3.10 -19.60 23.31
CA ALA A 88 1.85 -19.56 23.98
C ALA A 88 0.98 -18.61 23.22
N LEU A 89 1.63 -17.54 22.81
CA LEU A 89 0.95 -16.47 22.10
C LEU A 89 0.12 -16.98 20.97
N ILE A 90 0.66 -18.05 20.37
CA ILE A 90 0.06 -18.72 19.22
C ILE A 90 -0.93 -19.77 19.63
N ASN A 91 -0.61 -20.45 20.71
CA ASN A 91 -1.53 -21.45 21.14
C ASN A 91 -2.74 -20.83 21.76
N ASP A 92 -2.53 -19.70 22.44
CA ASP A 92 -3.66 -19.02 23.05
C ASP A 92 -4.38 -18.09 22.14
N LYS A 93 -4.09 -18.20 20.84
CA LYS A 93 -4.72 -17.38 19.83
C LYS A 93 -4.75 -15.90 20.17
N ARG A 94 -3.65 -15.45 20.80
CA ARG A 94 -3.42 -14.10 21.31
C ARG A 94 -2.81 -13.09 20.37
N ALA A 95 -2.48 -13.48 19.13
CA ALA A 95 -1.86 -12.59 18.16
C ALA A 95 -2.53 -12.67 16.82
N ARG A 96 -2.87 -11.51 16.24
CA ARG A 96 -3.45 -11.41 14.92
C ARG A 96 -2.45 -10.65 14.04
N THR A 97 -2.13 -11.16 12.84
CA THR A 97 -1.18 -10.45 11.97
C THR A 97 -1.84 -9.95 10.70
N ALA A 98 -1.52 -8.70 10.32
CA ALA A 98 -2.04 -8.16 9.10
C ALA A 98 -0.87 -8.04 8.15
N GLN A 99 -1.07 -8.49 6.92
CA GLN A 99 -0.02 -8.39 5.92
C GLN A 99 -0.06 -6.94 5.47
N THR A 100 1.07 -6.27 5.37
CA THR A 100 0.98 -4.86 5.00
C THR A 100 1.95 -4.54 3.91
N PRO A 101 1.83 -3.34 3.35
CA PRO A 101 2.73 -2.96 2.28
C PRO A 101 4.04 -2.48 2.79
N GLY A 102 4.86 -3.41 3.24
CA GLY A 102 6.18 -3.10 3.81
C GLY A 102 6.16 -2.88 5.33
N GLY A 103 7.33 -2.73 5.92
CA GLY A 103 7.39 -2.48 7.35
C GLY A 103 6.81 -1.10 7.55
N SER A 104 7.11 -0.25 6.59
CA SER A 104 6.61 1.09 6.54
C SER A 104 5.11 1.16 6.77
N GLY A 105 4.31 0.60 5.84
CA GLY A 105 2.88 0.65 5.91
C GLY A 105 2.31 0.05 7.18
N ALA A 106 3.12 -0.83 7.78
CA ALA A 106 2.73 -1.52 9.01
C ALA A 106 2.81 -0.58 10.19
N LEU A 107 3.72 0.40 10.09
CA LEU A 107 3.97 1.42 11.08
C LEU A 107 2.80 2.42 11.00
N ARG A 108 2.47 2.82 9.78
CA ARG A 108 1.35 3.68 9.51
C ARG A 108 0.02 3.02 9.89
N VAL A 109 -0.08 1.70 9.77
CA VAL A 109 -1.31 1.05 10.14
C VAL A 109 -1.45 1.00 11.65
N ALA A 110 -0.34 0.76 12.30
CA ALA A 110 -0.36 0.71 13.75
C ALA A 110 -0.63 2.10 14.30
N ALA A 111 -0.05 3.10 13.67
CA ALA A 111 -0.21 4.48 14.02
C ALA A 111 -1.69 4.90 13.94
N ASP A 112 -2.25 4.80 12.74
CA ASP A 112 -3.62 5.15 12.54
C ASP A 112 -4.49 4.37 13.50
N PHE A 113 -4.09 3.16 13.79
CA PHE A 113 -4.94 2.38 14.67
C PHE A 113 -5.02 2.96 16.07
N LEU A 114 -3.82 3.24 16.57
CA LEU A 114 -3.53 3.81 17.86
C LEU A 114 -4.25 5.17 17.99
N ALA A 115 -3.95 6.06 17.06
CA ALA A 115 -4.53 7.38 17.07
C ALA A 115 -6.04 7.39 17.15
N LYS A 116 -6.67 6.48 16.46
CA LYS A 116 -8.08 6.43 16.38
C LYS A 116 -8.73 5.59 17.42
N ASN A 117 -7.99 4.67 18.01
CA ASN A 117 -8.68 3.80 18.94
C ASN A 117 -8.10 3.68 20.30
N THR A 118 -7.17 4.48 20.69
CA THR A 118 -6.71 4.14 22.01
C THR A 118 -6.34 5.26 22.97
N SER A 119 -6.41 6.54 22.61
CA SER A 119 -5.97 7.49 23.65
C SER A 119 -4.42 7.49 23.87
N VAL A 120 -3.67 6.90 22.94
CA VAL A 120 -2.25 6.99 23.05
C VAL A 120 -2.03 8.39 22.51
N LYS A 121 -1.21 9.19 23.15
CA LYS A 121 -1.03 10.52 22.64
C LYS A 121 0.41 10.76 22.17
N ARG A 122 1.32 9.99 22.72
CA ARG A 122 2.68 10.16 22.27
C ARG A 122 3.48 8.87 22.05
N VAL A 123 4.49 8.96 21.19
CA VAL A 123 5.37 7.83 20.84
C VAL A 123 6.80 8.20 21.12
N TRP A 124 7.49 7.31 21.82
CA TRP A 124 8.87 7.56 22.15
C TRP A 124 9.84 6.81 21.22
N VAL A 125 10.63 7.53 20.45
CA VAL A 125 11.55 6.85 19.58
C VAL A 125 12.93 7.13 20.00
N SER A 126 13.82 6.22 19.75
CA SER A 126 15.19 6.46 20.14
C SER A 126 15.84 7.59 19.37
N ASN A 127 16.94 8.03 19.92
CA ASN A 127 17.75 9.07 19.35
C ASN A 127 19.19 8.58 19.37
N PRO A 128 19.80 8.40 18.20
CA PRO A 128 19.16 8.71 16.95
C PRO A 128 18.19 7.61 16.54
N SER A 129 17.38 7.92 15.54
CA SER A 129 16.42 6.95 15.01
C SER A 129 16.28 7.07 13.51
N TRP A 130 15.49 6.18 13.01
CA TRP A 130 15.16 6.12 11.61
C TRP A 130 14.26 7.31 11.26
N PRO A 131 14.75 8.24 10.44
CA PRO A 131 14.06 9.44 10.07
C PRO A 131 12.60 9.32 9.78
N ASN A 132 12.20 8.27 9.08
CA ASN A 132 10.80 8.10 8.71
C ASN A 132 9.87 7.80 9.87
N HIS A 133 10.42 7.61 11.04
CA HIS A 133 9.61 7.28 12.19
C HIS A 133 8.68 8.45 12.58
N LYS A 134 9.28 9.66 12.67
CA LYS A 134 8.61 10.91 13.00
C LYS A 134 7.44 11.16 12.10
N SER A 135 7.71 11.11 10.81
CA SER A 135 6.70 11.34 9.79
C SER A 135 5.52 10.40 9.87
N VAL A 136 5.75 9.11 10.10
CA VAL A 136 4.63 8.19 10.17
C VAL A 136 3.72 8.64 11.29
N PHE A 137 4.23 8.59 12.51
CA PHE A 137 3.52 8.97 13.71
C PHE A 137 2.86 10.35 13.69
N ASN A 138 3.61 11.32 13.18
CA ASN A 138 3.15 12.67 13.04
C ASN A 138 1.95 12.73 12.13
N SER A 139 2.00 11.96 11.06
CA SER A 139 0.91 11.94 10.12
C SER A 139 -0.35 11.43 10.73
N ALA A 140 -0.20 10.62 11.78
CA ALA A 140 -1.32 10.05 12.47
C ALA A 140 -1.75 10.97 13.59
N GLY A 141 -1.13 12.14 13.59
CA GLY A 141 -1.38 13.12 14.59
C GLY A 141 -0.92 12.65 15.95
N LEU A 142 0.22 11.96 15.97
CA LEU A 142 0.81 11.44 17.20
C LEU A 142 2.09 12.20 17.49
N GLU A 143 2.38 12.35 18.79
CA GLU A 143 3.54 13.09 19.28
C GLU A 143 4.75 12.21 19.40
N VAL A 144 5.83 12.64 18.76
CA VAL A 144 7.04 11.87 18.86
C VAL A 144 8.03 12.47 19.83
N ARG A 145 8.35 11.72 20.88
CA ARG A 145 9.31 12.15 21.86
C ARG A 145 10.50 11.25 21.69
N GLU A 146 11.67 11.68 22.17
CA GLU A 146 12.89 10.93 22.00
C GLU A 146 13.52 10.50 23.28
N TYR A 147 14.09 9.33 23.26
CA TYR A 147 14.75 8.84 24.40
C TYR A 147 16.23 8.64 24.09
N ALA A 148 17.06 8.90 25.05
CA ALA A 148 18.47 8.77 24.85
C ALA A 148 18.84 7.35 24.53
N TYR A 149 19.94 7.15 23.82
CA TYR A 149 20.27 5.79 23.49
C TYR A 149 21.73 5.52 23.18
N TYR A 150 22.35 6.38 22.39
CA TYR A 150 23.70 6.09 21.99
C TYR A 150 24.77 6.97 22.55
N ASP A 151 25.82 6.31 23.01
CA ASP A 151 26.99 6.96 23.55
C ASP A 151 27.99 7.25 22.45
N ALA A 152 27.86 8.43 21.87
CA ALA A 152 28.75 8.87 20.82
C ALA A 152 30.21 8.70 21.23
N GLU A 153 30.53 9.07 22.45
CA GLU A 153 31.91 8.95 22.87
C GLU A 153 32.39 7.55 22.83
N ASN A 154 31.80 6.64 23.56
CA ASN A 154 32.37 5.34 23.44
C ASN A 154 31.79 4.35 22.41
N HIS A 155 30.88 4.87 21.59
CA HIS A 155 30.28 4.05 20.58
C HIS A 155 29.55 2.91 21.19
N THR A 156 28.49 3.24 21.88
CA THR A 156 27.74 2.20 22.48
C THR A 156 26.42 2.67 23.00
N LEU A 157 25.71 1.70 23.53
CA LEU A 157 24.42 1.90 24.12
C LEU A 157 24.61 2.54 25.49
N ASP A 158 24.00 3.69 25.69
CA ASP A 158 24.08 4.28 27.01
C ASP A 158 22.89 3.78 27.84
N PHE A 159 23.03 2.66 28.57
CA PHE A 159 21.89 2.13 29.35
C PHE A 159 21.25 3.11 30.30
N ASP A 160 22.08 3.80 31.08
CA ASP A 160 21.50 4.73 32.00
C ASP A 160 20.69 5.79 31.32
N ALA A 161 21.34 6.53 30.42
CA ALA A 161 20.65 7.58 29.67
C ALA A 161 19.33 7.09 29.11
N LEU A 162 19.38 5.88 28.57
CA LEU A 162 18.22 5.17 28.04
C LEU A 162 17.20 5.23 29.15
N ILE A 163 17.44 4.42 30.15
CA ILE A 163 16.60 4.34 31.31
C ILE A 163 16.15 5.69 31.89
N ASN A 164 17.12 6.54 32.14
CA ASN A 164 16.80 7.81 32.69
C ASN A 164 15.84 8.65 31.88
N SER A 165 15.93 8.61 30.56
CA SER A 165 15.00 9.43 29.81
C SER A 165 13.59 8.88 29.69
N LEU A 166 13.46 7.56 29.82
CA LEU A 166 12.15 6.92 29.70
C LEU A 166 11.25 7.13 30.89
N ASN A 167 11.87 7.55 31.99
CA ASN A 167 11.16 7.85 33.19
C ASN A 167 10.03 8.80 32.87
N GLU A 168 10.34 9.81 32.05
CA GLU A 168 9.33 10.77 31.64
C GLU A 168 8.34 10.28 30.61
N ALA A 169 8.29 8.97 30.44
CA ALA A 169 7.35 8.37 29.53
C ALA A 169 6.16 7.99 30.41
N GLN A 170 5.02 8.65 30.22
CA GLN A 170 3.89 8.34 31.10
C GLN A 170 3.36 6.95 30.84
N ALA A 171 2.47 6.47 31.73
CA ALA A 171 1.94 5.16 31.45
C ALA A 171 0.93 5.30 30.35
N GLY A 172 0.89 4.29 29.44
CA GLY A 172 -0.02 4.30 28.30
C GLY A 172 0.57 5.01 27.11
N ASP A 173 1.84 5.38 27.26
CA ASP A 173 2.66 6.01 26.23
C ASP A 173 3.27 4.87 25.38
N VAL A 174 3.46 5.10 24.09
CA VAL A 174 4.03 4.07 23.24
C VAL A 174 5.55 4.18 23.16
N VAL A 175 6.24 3.08 23.50
CA VAL A 175 7.69 3.03 23.43
C VAL A 175 8.16 2.14 22.25
N LEU A 176 8.82 2.77 21.24
CA LEU A 176 9.31 2.11 20.01
C LEU A 176 10.69 1.55 20.11
N PHE A 177 10.76 0.26 19.97
CA PHE A 177 12.04 -0.40 19.97
C PHE A 177 12.31 -1.04 18.60
N HIS A 178 13.59 -1.08 18.24
CA HIS A 178 14.14 -1.72 17.03
C HIS A 178 14.49 -3.18 17.42
N GLY A 179 13.83 -4.16 16.80
CA GLY A 179 14.03 -5.55 17.18
C GLY A 179 15.46 -6.00 17.22
N CYS A 180 16.23 -5.50 16.26
CA CYS A 180 17.62 -5.88 16.15
C CYS A 180 18.23 -5.03 15.10
N CYS A 181 19.55 -5.00 15.04
CA CYS A 181 20.23 -4.21 14.06
C CYS A 181 19.75 -2.77 14.11
N HIS A 182 19.84 -2.10 15.30
CA HIS A 182 19.40 -0.70 15.49
C HIS A 182 19.76 0.16 14.31
N ASN A 183 18.79 0.84 13.69
CA ASN A 183 19.03 1.72 12.57
C ASN A 183 18.88 3.14 13.05
N PRO A 184 19.92 3.97 13.03
CA PRO A 184 21.18 3.76 12.37
C PRO A 184 22.37 3.35 13.17
N THR A 185 22.26 3.12 14.47
CA THR A 185 23.50 2.82 15.23
C THR A 185 24.22 1.51 15.05
N GLY A 186 23.50 0.40 15.03
CA GLY A 186 24.17 -0.89 14.94
C GLY A 186 24.35 -1.51 16.32
N ILE A 187 23.84 -0.79 17.33
CA ILE A 187 23.92 -1.24 18.72
C ILE A 187 22.60 -1.69 19.21
N ASP A 188 22.57 -2.91 19.71
CA ASP A 188 21.36 -3.47 20.23
C ASP A 188 21.60 -3.88 21.69
N PRO A 189 20.54 -3.82 22.53
CA PRO A 189 20.69 -4.21 23.89
C PRO A 189 21.05 -5.68 23.91
N THR A 190 21.58 -6.17 25.01
CA THR A 190 21.95 -7.57 25.22
C THR A 190 20.72 -8.21 25.86
N LEU A 191 20.52 -9.53 25.74
CA LEU A 191 19.33 -10.22 26.33
C LEU A 191 18.96 -9.71 27.74
N GLU A 192 19.99 -9.35 28.45
CA GLU A 192 19.79 -8.85 29.78
C GLU A 192 19.23 -7.47 29.79
N GLN A 193 19.77 -6.60 28.95
CA GLN A 193 19.19 -5.29 28.89
C GLN A 193 17.74 -5.37 28.40
N TRP A 194 17.47 -6.37 27.53
CA TRP A 194 16.14 -6.57 27.02
C TRP A 194 15.24 -7.00 28.15
N GLN A 195 15.74 -7.99 28.91
CA GLN A 195 14.97 -8.50 30.02
C GLN A 195 14.51 -7.39 30.94
N THR A 196 15.46 -6.51 31.26
CA THR A 196 15.30 -5.38 32.12
C THR A 196 14.33 -4.37 31.56
N LEU A 197 14.52 -4.11 30.28
CA LEU A 197 13.66 -3.19 29.63
C LEU A 197 12.24 -3.70 29.75
N ALA A 198 12.14 -5.01 29.54
CA ALA A 198 10.88 -5.72 29.60
C ALA A 198 10.10 -5.38 30.84
N GLN A 199 10.77 -5.66 31.95
CA GLN A 199 10.33 -5.46 33.31
C GLN A 199 9.86 -4.05 33.54
N LEU A 200 10.71 -3.17 33.13
CA LEU A 200 10.45 -1.77 33.23
C LEU A 200 9.12 -1.34 32.61
N SER A 201 8.95 -1.63 31.32
CA SER A 201 7.74 -1.24 30.65
C SER A 201 6.48 -1.82 31.26
N VAL A 202 6.60 -2.96 31.91
CA VAL A 202 5.44 -3.56 32.55
C VAL A 202 5.04 -2.67 33.70
N GLU A 203 6.05 -2.46 34.53
CA GLU A 203 6.01 -1.64 35.70
C GLU A 203 5.62 -0.17 35.41
N LYS A 204 6.01 0.36 34.28
CA LYS A 204 5.72 1.74 33.92
C LYS A 204 4.43 1.94 33.07
N GLY A 205 3.87 0.84 32.55
CA GLY A 205 2.66 0.95 31.77
C GLY A 205 2.81 1.45 30.36
N TRP A 206 3.90 1.06 29.69
CA TRP A 206 4.10 1.43 28.28
C TRP A 206 3.59 0.37 27.29
N LEU A 207 3.20 0.83 26.13
CA LEU A 207 2.78 -0.10 25.10
C LEU A 207 4.04 -0.29 24.26
N PRO A 208 4.57 -1.49 24.15
CA PRO A 208 5.76 -1.63 23.32
C PRO A 208 5.41 -1.86 21.83
N LEU A 209 6.14 -1.15 20.98
CA LEU A 209 5.99 -1.23 19.54
C LEU A 209 7.32 -1.66 18.97
N PHE A 210 7.37 -2.77 18.25
CA PHE A 210 8.65 -3.19 17.71
C PHE A 210 8.69 -2.98 16.23
N ASP A 211 9.77 -2.38 15.83
CA ASP A 211 10.04 -2.19 14.43
C ASP A 211 11.09 -3.24 14.19
N PHE A 212 10.70 -4.28 13.50
CA PHE A 212 11.58 -5.42 13.21
C PHE A 212 11.85 -5.51 11.69
N ALA A 213 12.89 -4.84 11.22
CA ALA A 213 13.14 -4.85 9.81
C ALA A 213 14.34 -5.64 9.34
N TYR A 214 15.09 -6.19 10.25
CA TYR A 214 16.28 -6.93 9.88
C TYR A 214 16.37 -8.28 10.52
N GLN A 215 15.27 -8.96 10.71
CA GLN A 215 15.39 -10.24 11.35
C GLN A 215 16.28 -11.19 10.54
N GLY A 216 17.38 -11.60 11.17
CA GLY A 216 18.36 -12.55 10.60
C GLY A 216 19.70 -11.95 10.19
N PHE A 217 19.86 -10.64 10.29
CA PHE A 217 21.10 -9.98 9.87
C PHE A 217 22.06 -9.72 11.00
N ALA A 218 21.68 -10.03 12.23
CA ALA A 218 22.61 -9.77 13.30
C ALA A 218 23.26 -11.08 13.66
N ARG A 219 22.51 -11.96 14.24
CA ARG A 219 23.05 -13.24 14.58
C ARG A 219 22.39 -14.35 13.74
N GLY A 220 21.07 -14.46 13.82
CA GLY A 220 20.28 -15.43 13.09
C GLY A 220 18.81 -15.20 13.37
N LEU A 221 17.97 -15.94 12.66
CA LEU A 221 16.54 -15.82 12.81
C LEU A 221 16.06 -15.83 14.26
N GLU A 222 16.30 -16.95 14.95
CA GLU A 222 15.86 -17.13 16.31
C GLU A 222 16.54 -16.22 17.30
N GLU A 223 17.79 -15.98 17.06
CA GLU A 223 18.62 -15.15 17.91
C GLU A 223 18.23 -13.70 17.88
N ASP A 224 17.63 -13.29 16.79
CA ASP A 224 17.31 -11.90 16.71
C ASP A 224 15.95 -11.59 17.29
N ALA A 225 15.26 -12.67 17.65
CA ALA A 225 13.92 -12.57 18.19
C ALA A 225 13.85 -12.63 19.72
N GLU A 226 15.01 -12.74 20.38
CA GLU A 226 15.12 -12.81 21.84
C GLU A 226 14.64 -11.58 22.60
N GLY A 227 14.74 -10.42 22.01
CA GLY A 227 14.27 -9.24 22.70
C GLY A 227 12.75 -9.21 22.69
N LEU A 228 12.23 -9.38 21.49
CA LEU A 228 10.82 -9.40 21.29
C LEU A 228 10.23 -10.42 22.19
N ARG A 229 10.71 -11.62 21.98
CA ARG A 229 10.30 -12.79 22.67
C ARG A 229 10.31 -12.64 24.19
N ALA A 230 11.24 -11.84 24.72
CA ALA A 230 11.33 -11.59 26.15
C ALA A 230 10.15 -10.73 26.55
N PHE A 231 9.97 -9.64 25.80
CA PHE A 231 8.84 -8.76 25.99
C PHE A 231 7.53 -9.52 25.83
N ALA A 232 7.41 -10.41 24.85
CA ALA A 232 6.16 -11.14 24.64
C ALA A 232 5.83 -12.02 25.83
N ALA A 233 6.85 -12.26 26.62
CA ALA A 233 6.74 -13.08 27.83
C ALA A 233 6.21 -12.34 29.07
N MET A 234 6.24 -11.02 29.07
CA MET A 234 5.78 -10.22 30.18
C MET A 234 4.61 -9.41 29.81
N HIS A 235 4.46 -9.13 28.53
CA HIS A 235 3.38 -8.32 28.06
C HIS A 235 2.08 -9.01 27.82
N LYS A 236 1.08 -8.18 27.86
CA LYS A 236 -0.26 -8.58 27.65
C LYS A 236 -0.56 -8.05 26.27
N GLU A 237 -0.12 -6.83 26.08
CA GLU A 237 -0.31 -6.09 24.87
C GLU A 237 1.00 -5.74 24.15
N LEU A 238 0.97 -5.79 22.80
CA LEU A 238 2.15 -5.54 21.99
C LEU A 238 1.80 -5.29 20.56
N ILE A 239 2.71 -4.59 19.87
CA ILE A 239 2.53 -4.35 18.45
C ILE A 239 3.84 -4.60 17.78
N VAL A 240 3.81 -5.27 16.65
CA VAL A 240 5.05 -5.55 15.92
C VAL A 240 4.94 -5.17 14.48
N ALA A 241 5.85 -4.33 14.06
CA ALA A 241 5.89 -3.93 12.68
C ALA A 241 7.13 -4.58 12.07
N SER A 242 6.93 -5.59 11.24
CA SER A 242 8.09 -6.26 10.65
C SER A 242 8.10 -6.22 9.14
N SER A 243 9.29 -6.24 8.61
CA SER A 243 9.46 -6.14 7.16
C SER A 243 10.17 -7.35 6.56
N TYR A 244 9.85 -7.70 5.32
CA TYR A 244 10.56 -8.80 4.68
C TYR A 244 11.37 -8.22 3.53
N SER A 245 11.59 -6.95 3.61
CA SER A 245 12.26 -6.26 2.56
C SER A 245 13.68 -6.59 2.37
N LYS A 246 14.38 -6.62 3.49
CA LYS A 246 15.79 -6.81 3.57
C LYS A 246 16.18 -8.27 3.64
N ASN A 247 15.57 -9.03 4.54
CA ASN A 247 15.89 -10.42 4.64
C ASN A 247 15.41 -11.29 3.47
N PHE A 248 14.58 -10.77 2.56
CA PHE A 248 14.15 -11.58 1.42
C PHE A 248 14.50 -10.85 0.14
N GLY A 249 15.13 -9.69 0.29
CA GLY A 249 15.47 -8.87 -0.86
C GLY A 249 14.25 -8.46 -1.67
N LEU A 250 13.09 -8.39 -1.01
CA LEU A 250 11.84 -8.07 -1.69
C LEU A 250 11.41 -6.61 -1.59
N TYR A 251 12.40 -5.71 -1.48
CA TYR A 251 12.24 -4.25 -1.39
C TYR A 251 11.07 -3.70 -2.12
N ASN A 252 11.02 -3.81 -3.44
CA ASN A 252 9.89 -3.20 -4.11
C ASN A 252 8.57 -3.89 -4.13
N GLU A 253 8.45 -5.01 -3.49
CA GLU A 253 7.16 -5.64 -3.57
C GLU A 253 6.28 -5.32 -2.37
N ARG A 254 6.88 -4.58 -1.41
CA ARG A 254 6.19 -4.11 -0.21
C ARG A 254 5.67 -5.23 0.63
N VAL A 255 6.55 -5.86 1.37
CA VAL A 255 6.17 -7.01 2.19
C VAL A 255 6.56 -6.81 3.65
N GLY A 256 5.57 -6.72 4.51
CA GLY A 256 5.78 -6.59 5.91
C GLY A 256 4.52 -7.01 6.59
N ALA A 257 4.57 -6.92 7.88
CA ALA A 257 3.41 -7.26 8.67
C ALA A 257 3.30 -6.39 9.92
N CYS A 258 2.06 -6.39 10.43
CA CYS A 258 1.64 -5.70 11.63
C CYS A 258 0.97 -6.73 12.49
N THR A 259 1.67 -7.08 13.56
CA THR A 259 1.15 -8.04 14.51
C THR A 259 0.70 -7.33 15.82
N LEU A 260 -0.57 -7.55 16.18
CA LEU A 260 -1.21 -7.00 17.36
C LEU A 260 -1.22 -8.10 18.43
N VAL A 261 -0.81 -7.79 19.64
CA VAL A 261 -0.90 -8.78 20.71
C VAL A 261 -1.70 -8.21 21.87
N ALA A 262 -2.66 -9.01 22.37
CA ALA A 262 -3.56 -8.63 23.46
C ALA A 262 -3.57 -9.73 24.51
N ALA A 263 -4.19 -9.48 25.67
CA ALA A 263 -4.21 -10.47 26.74
C ALA A 263 -4.90 -11.75 26.32
N ASP A 264 -5.94 -11.63 25.48
CA ASP A 264 -6.69 -12.79 25.05
C ASP A 264 -7.29 -12.64 23.66
N SER A 265 -7.79 -13.79 23.15
CA SER A 265 -8.42 -13.90 21.86
C SER A 265 -9.55 -12.93 21.63
N GLU A 266 -10.49 -12.86 22.57
CA GLU A 266 -11.61 -11.95 22.39
C GLU A 266 -11.15 -10.53 22.15
N THR A 267 -10.21 -10.17 22.98
CA THR A 267 -9.66 -8.85 22.97
C THR A 267 -8.93 -8.56 21.68
N VAL A 268 -7.98 -9.43 21.39
CA VAL A 268 -7.23 -9.32 20.16
C VAL A 268 -8.18 -9.29 18.95
N ASP A 269 -9.22 -10.09 18.95
CA ASP A 269 -10.12 -10.06 17.84
C ASP A 269 -10.85 -8.74 17.70
N ARG A 270 -11.33 -8.25 18.83
CA ARG A 270 -12.07 -7.00 18.80
C ARG A 270 -11.19 -5.94 18.23
N ALA A 271 -10.05 -5.79 18.89
CA ALA A 271 -9.07 -4.78 18.54
C ALA A 271 -8.69 -4.79 17.08
N PHE A 272 -8.35 -5.98 16.62
CA PHE A 272 -7.95 -6.21 15.24
C PHE A 272 -9.00 -5.79 14.20
N SER A 273 -10.29 -5.84 14.60
CA SER A 273 -11.34 -5.43 13.71
C SER A 273 -11.18 -3.95 13.43
N GLN A 274 -10.61 -3.26 14.45
CA GLN A 274 -10.33 -1.82 14.41
C GLN A 274 -9.12 -1.55 13.56
N MET A 275 -8.19 -2.47 13.62
CA MET A 275 -7.01 -2.36 12.79
C MET A 275 -7.41 -2.61 11.34
N LYS A 276 -8.27 -3.60 11.12
CA LYS A 276 -8.67 -3.86 9.76
C LYS A 276 -9.45 -2.70 9.22
N ALA A 277 -10.13 -1.99 10.14
CA ALA A 277 -10.92 -0.83 9.73
C ALA A 277 -10.02 0.27 9.24
N ALA A 278 -8.91 0.44 9.92
CA ALA A 278 -7.94 1.45 9.52
C ALA A 278 -7.32 1.16 8.14
N ILE A 279 -7.19 -0.12 7.81
CA ILE A 279 -6.61 -0.58 6.55
C ILE A 279 -7.53 -0.30 5.39
N ARG A 280 -8.81 -0.57 5.63
CA ARG A 280 -9.87 -0.35 4.69
C ARG A 280 -9.91 1.11 4.23
N ALA A 281 -9.67 2.02 5.17
CA ALA A 281 -9.73 3.45 4.83
C ALA A 281 -8.43 3.92 4.26
N ASN A 282 -7.54 2.96 4.11
CA ASN A 282 -6.25 3.26 3.57
C ASN A 282 -6.12 2.66 2.17
N TYR A 283 -5.46 1.50 2.06
CA TYR A 283 -5.25 0.89 0.78
C TYR A 283 -6.16 -0.31 0.49
N SER A 284 -7.00 -0.62 1.47
CA SER A 284 -7.98 -1.69 1.36
C SER A 284 -7.54 -3.10 1.61
N SER A 285 -6.65 -3.53 0.78
CA SER A 285 -6.08 -4.85 0.91
C SER A 285 -4.68 -4.78 0.39
N PRO A 286 -3.87 -5.69 0.83
CA PRO A 286 -2.47 -5.65 0.45
C PRO A 286 -2.14 -6.40 -0.84
N PRO A 287 -1.01 -6.00 -1.42
CA PRO A 287 -0.45 -6.57 -2.63
C PRO A 287 -0.05 -8.04 -2.40
N ALA A 288 -0.59 -8.94 -3.21
CA ALA A 288 -0.28 -10.33 -3.03
C ALA A 288 1.10 -10.85 -3.38
N HIS A 289 1.63 -10.51 -4.55
CA HIS A 289 2.93 -11.02 -5.03
C HIS A 289 4.01 -11.33 -4.01
N GLY A 290 4.54 -10.25 -3.47
CA GLY A 290 5.58 -10.34 -2.49
C GLY A 290 5.24 -11.29 -1.36
N ALA A 291 4.07 -11.08 -0.77
CA ALA A 291 3.70 -11.92 0.35
C ALA A 291 3.56 -13.38 -0.03
N SER A 292 2.95 -13.63 -1.22
CA SER A 292 2.78 -14.98 -1.76
C SER A 292 4.13 -15.61 -1.86
N VAL A 293 5.07 -14.78 -2.34
CA VAL A 293 6.43 -15.25 -2.48
C VAL A 293 6.99 -15.68 -1.12
N VAL A 294 6.76 -14.84 -0.10
CA VAL A 294 7.21 -15.09 1.26
C VAL A 294 6.48 -16.32 1.84
N ALA A 295 5.18 -16.42 1.68
CA ALA A 295 4.54 -17.60 2.22
C ALA A 295 5.04 -18.87 1.54
N THR A 296 5.25 -18.83 0.23
CA THR A 296 5.73 -20.02 -0.48
C THR A 296 7.05 -20.53 0.03
N ILE A 297 7.91 -19.58 0.26
CA ILE A 297 9.19 -19.96 0.72
C ILE A 297 9.18 -20.51 2.11
N LEU A 298 8.56 -19.80 3.06
CA LEU A 298 8.55 -20.27 4.43
C LEU A 298 7.71 -21.48 4.65
N SER A 299 6.78 -21.82 3.74
CA SER A 299 5.98 -23.02 3.99
C SER A 299 6.58 -24.32 3.43
N ASN A 300 7.51 -24.16 2.46
CA ASN A 300 8.20 -25.25 1.78
C ASN A 300 9.56 -25.51 2.36
N ASP A 301 9.77 -26.71 2.90
CA ASP A 301 11.06 -27.03 3.50
C ASP A 301 12.31 -26.85 2.62
N ALA A 302 12.20 -27.12 1.35
CA ALA A 302 13.33 -26.99 0.46
C ALA A 302 13.66 -25.57 0.17
N LEU A 303 12.67 -24.84 -0.36
CA LEU A 303 12.87 -23.43 -0.66
C LEU A 303 13.33 -22.74 0.63
N ARG A 304 12.75 -23.16 1.72
CA ARG A 304 13.09 -22.57 2.98
C ARG A 304 14.54 -22.75 3.29
N ALA A 305 15.02 -23.98 3.02
CA ALA A 305 16.43 -24.34 3.23
C ALA A 305 17.31 -23.54 2.30
N ILE A 306 16.85 -23.33 1.09
CA ILE A 306 17.69 -22.51 0.22
C ILE A 306 17.72 -21.05 0.71
N TRP A 307 16.56 -20.51 1.11
CA TRP A 307 16.47 -19.13 1.57
C TRP A 307 17.34 -18.86 2.82
N GLU A 308 17.26 -19.75 3.83
CA GLU A 308 18.07 -19.49 5.01
C GLU A 308 19.54 -19.43 4.72
N GLN A 309 19.92 -20.08 3.65
CA GLN A 309 21.31 -20.13 3.33
C GLN A 309 21.71 -18.89 2.63
N GLU A 310 20.84 -18.36 1.77
CA GLU A 310 21.08 -17.06 1.10
C GLU A 310 21.13 -15.93 2.15
N LEU A 311 20.15 -15.93 3.08
CA LEU A 311 20.14 -14.99 4.18
C LEU A 311 21.46 -15.11 4.91
N THR A 312 21.81 -16.32 5.35
CA THR A 312 23.08 -16.51 6.02
C THR A 312 24.26 -15.99 5.17
N ASP A 313 24.21 -16.18 3.85
CA ASP A 313 25.29 -15.67 3.03
C ASP A 313 25.32 -14.16 3.03
N MET A 314 24.13 -13.53 3.07
CA MET A 314 24.09 -12.08 3.11
C MET A 314 24.70 -11.60 4.42
N ARG A 315 24.24 -12.14 5.54
CA ARG A 315 24.79 -11.76 6.82
C ARG A 315 26.29 -11.93 6.86
N GLN A 316 26.74 -13.13 6.59
CA GLN A 316 28.18 -13.37 6.62
C GLN A 316 28.98 -12.46 5.77
N ARG A 317 28.38 -12.10 4.68
CA ARG A 317 29.09 -11.24 3.79
C ARG A 317 29.25 -9.86 4.38
N ILE A 318 28.23 -9.40 5.11
CA ILE A 318 28.30 -8.06 5.68
C ILE A 318 29.39 -8.08 6.75
N GLN A 319 29.37 -9.12 7.61
CA GLN A 319 30.34 -9.31 8.67
C GLN A 319 31.74 -9.29 8.11
N ARG A 320 31.90 -9.76 6.89
CA ARG A 320 33.20 -9.77 6.25
C ARG A 320 33.65 -8.39 5.84
N MET A 321 32.78 -7.66 5.16
CA MET A 321 33.05 -6.30 4.72
C MET A 321 33.35 -5.42 5.95
N ARG A 322 32.74 -5.74 7.10
CA ARG A 322 32.93 -5.05 8.36
C ARG A 322 34.40 -5.09 8.76
N GLN A 323 34.90 -6.29 9.04
CA GLN A 323 36.29 -6.47 9.42
C GLN A 323 37.24 -6.00 8.33
N LEU A 324 36.85 -6.15 7.09
CA LEU A 324 37.72 -5.70 6.02
C LEU A 324 37.80 -4.16 5.96
N PHE A 325 36.68 -3.51 6.33
CA PHE A 325 36.53 -2.07 6.34
C PHE A 325 37.49 -1.55 7.35
N VAL A 326 37.34 -1.97 8.60
CA VAL A 326 38.24 -1.48 9.62
C VAL A 326 39.68 -1.69 9.26
N ASN A 327 39.97 -2.89 8.77
CA ASN A 327 41.34 -3.22 8.39
C ASN A 327 41.88 -2.35 7.29
N THR A 328 41.11 -2.19 6.25
CA THR A 328 41.56 -1.35 5.19
C THR A 328 41.83 0.08 5.68
N LEU A 329 40.87 0.64 6.45
CA LEU A 329 41.01 1.98 7.04
C LEU A 329 42.38 2.11 7.68
N GLN A 330 42.62 1.23 8.67
CA GLN A 330 43.87 1.24 9.40
C GLN A 330 45.03 1.23 8.45
N GLU A 331 45.08 0.16 7.73
CA GLU A 331 46.11 -0.10 6.79
C GLU A 331 46.25 1.00 5.74
N LYS A 332 45.49 2.07 5.83
CA LYS A 332 45.56 3.12 4.82
C LYS A 332 45.79 4.53 5.34
N GLY A 333 45.99 4.63 6.64
CA GLY A 333 46.19 5.91 7.28
C GLY A 333 45.36 6.00 8.54
N ALA A 334 44.14 6.51 8.42
CA ALA A 334 43.20 6.67 9.51
C ALA A 334 43.80 7.02 10.85
N ASN A 335 43.53 8.28 11.24
CA ASN A 335 43.98 8.75 12.52
C ASN A 335 43.19 8.04 13.61
N ARG A 336 41.86 8.04 13.45
CA ARG A 336 41.00 7.40 14.42
C ARG A 336 41.13 5.88 14.44
N ASP A 337 40.54 5.31 15.48
CA ASP A 337 40.45 3.88 15.64
C ASP A 337 38.99 3.56 15.37
N PHE A 338 38.74 2.73 14.34
CA PHE A 338 37.40 2.37 13.92
C PHE A 338 36.94 0.95 14.34
N SER A 339 37.67 0.34 15.20
CA SER A 339 37.34 -0.97 15.63
C SER A 339 35.93 -1.12 16.22
N PHE A 340 35.33 -0.07 16.76
CA PHE A 340 34.02 -0.25 17.35
C PHE A 340 33.05 -0.74 16.30
N ILE A 341 33.48 -0.50 15.06
CA ILE A 341 32.74 -0.83 13.88
C ILE A 341 32.41 -2.30 13.74
N ILE A 342 33.19 -3.10 14.42
CA ILE A 342 33.00 -4.51 14.38
C ILE A 342 31.97 -5.04 15.37
N LYS A 343 31.61 -4.26 16.39
CA LYS A 343 30.63 -4.74 17.33
C LYS A 343 29.24 -4.32 16.96
N GLN A 344 29.13 -3.64 15.86
CA GLN A 344 27.87 -3.18 15.35
C GLN A 344 27.24 -4.25 14.47
N ASN A 345 25.89 -4.37 14.53
CA ASN A 345 25.11 -5.32 13.78
C ASN A 345 24.40 -4.72 12.60
N GLY A 346 24.08 -5.61 11.66
CA GLY A 346 23.30 -5.29 10.50
C GLY A 346 24.05 -4.61 9.38
N MET A 347 23.30 -3.97 8.55
CA MET A 347 23.82 -3.32 7.42
C MET A 347 24.70 -2.12 7.60
N PHE A 348 24.41 -1.33 8.61
CA PHE A 348 25.14 -0.10 8.80
C PHE A 348 25.91 0.07 10.06
N SER A 349 26.88 0.93 9.87
CA SER A 349 27.74 1.40 10.92
C SER A 349 27.57 2.93 11.06
N PHE A 350 27.57 3.40 12.31
CA PHE A 350 27.52 4.81 12.61
C PHE A 350 29.00 5.21 12.65
N SER A 351 29.48 5.64 11.51
CA SER A 351 30.88 5.90 11.31
C SER A 351 31.53 6.95 12.12
N GLY A 352 30.76 7.88 12.66
CA GLY A 352 31.38 8.96 13.45
C GLY A 352 32.06 10.03 12.57
N LEU A 353 31.53 10.16 11.37
CA LEU A 353 31.99 11.13 10.42
C LEU A 353 31.07 12.33 10.57
N THR A 354 31.58 13.53 10.39
CA THR A 354 30.69 14.66 10.57
C THR A 354 29.89 15.04 9.36
N LYS A 355 28.91 15.91 9.55
CA LYS A 355 28.09 16.34 8.44
C LYS A 355 28.95 16.91 7.32
N GLU A 356 29.97 17.66 7.67
CA GLU A 356 30.86 18.27 6.69
C GLU A 356 31.80 17.28 6.01
N GLN A 357 32.23 16.26 6.76
CA GLN A 357 33.07 15.24 6.19
C GLN A 357 32.25 14.46 5.17
N VAL A 358 30.99 14.15 5.48
CA VAL A 358 30.18 13.44 4.53
C VAL A 358 29.91 14.25 3.27
N LEU A 359 29.70 15.55 3.44
CA LEU A 359 29.42 16.46 2.33
C LEU A 359 30.58 16.42 1.36
N ARG A 360 31.70 16.44 1.96
CA ARG A 360 32.91 16.44 1.25
C ARG A 360 33.15 15.14 0.51
N LEU A 361 32.91 13.99 1.16
CA LEU A 361 33.07 12.68 0.52
C LEU A 361 32.25 12.67 -0.75
N ARG A 362 31.01 13.11 -0.62
CA ARG A 362 30.14 13.17 -1.75
C ARG A 362 30.77 14.06 -2.79
N GLU A 363 30.60 15.36 -2.59
CA GLU A 363 31.12 16.44 -3.46
C GLU A 363 32.48 16.11 -4.05
N GLU A 364 33.42 15.94 -3.17
CA GLU A 364 34.79 15.69 -3.53
C GLU A 364 35.10 14.37 -4.17
N PHE A 365 34.83 13.29 -3.42
CA PHE A 365 35.14 11.95 -3.84
C PHE A 365 34.02 11.08 -4.41
N GLY A 366 32.79 11.52 -4.46
CA GLY A 366 31.82 10.62 -5.02
C GLY A 366 31.32 9.46 -4.12
N VAL A 367 31.54 9.55 -2.81
CA VAL A 367 31.03 8.55 -1.91
C VAL A 367 29.74 9.07 -1.29
N TYR A 368 28.66 8.28 -1.27
CA TYR A 368 27.42 8.71 -0.67
C TYR A 368 27.19 8.04 0.65
N ALA A 369 27.07 8.87 1.69
CA ALA A 369 26.82 8.40 3.02
C ALA A 369 25.74 9.29 3.57
N VAL A 370 24.91 8.80 4.51
CA VAL A 370 23.85 9.64 5.03
C VAL A 370 24.49 10.79 5.80
N ALA A 371 23.79 11.90 6.08
CA ALA A 371 24.43 12.98 6.81
C ALA A 371 24.72 12.60 8.24
N SER A 372 23.98 11.62 8.76
CA SER A 372 24.27 11.21 10.11
C SER A 372 25.66 10.65 10.20
N GLY A 373 26.25 10.31 9.04
CA GLY A 373 27.57 9.69 8.93
C GLY A 373 27.44 8.17 8.94
N ARG A 374 26.22 7.76 8.69
CA ARG A 374 25.81 6.39 8.66
C ARG A 374 26.16 5.87 7.31
N VAL A 375 26.91 4.77 7.32
CA VAL A 375 27.35 4.10 6.10
C VAL A 375 26.78 2.70 5.99
N ASN A 376 26.33 2.36 4.79
CA ASN A 376 25.80 1.03 4.51
C ASN A 376 26.96 0.09 4.27
N VAL A 377 27.25 -0.80 5.17
CA VAL A 377 28.35 -1.67 4.91
C VAL A 377 28.04 -2.63 3.73
N ALA A 378 26.76 -3.06 3.63
CA ALA A 378 26.29 -3.98 2.61
C ALA A 378 26.59 -3.48 1.23
N GLY A 379 26.91 -2.23 1.12
CA GLY A 379 27.20 -1.67 -0.19
C GLY A 379 28.70 -1.65 -0.42
N MET A 380 29.43 -2.17 0.54
CA MET A 380 30.84 -2.19 0.39
C MET A 380 31.27 -3.49 -0.29
N THR A 381 32.27 -3.42 -1.18
CA THR A 381 32.77 -4.61 -1.88
C THR A 381 34.28 -4.56 -2.00
N PRO A 382 34.89 -5.74 -2.04
CA PRO A 382 36.34 -5.86 -2.15
C PRO A 382 36.91 -5.00 -3.25
N ASP A 383 36.09 -4.75 -4.23
CA ASP A 383 36.54 -3.91 -5.30
C ASP A 383 36.50 -2.42 -5.00
N ASN A 384 35.46 -1.94 -4.30
CA ASN A 384 35.40 -0.53 -3.99
C ASN A 384 36.03 -0.19 -2.66
N MET A 385 36.46 -1.20 -1.92
CA MET A 385 37.01 -0.96 -0.61
C MET A 385 38.08 0.09 -0.55
N ALA A 386 39.08 -0.14 -1.37
CA ALA A 386 40.25 0.72 -1.44
C ALA A 386 39.92 2.15 -1.67
N PRO A 387 39.36 2.44 -2.81
CA PRO A 387 39.00 3.81 -3.10
C PRO A 387 38.12 4.40 -2.01
N LEU A 388 37.16 3.62 -1.51
CA LEU A 388 36.31 4.13 -0.47
C LEU A 388 37.11 4.56 0.76
N CYS A 389 38.03 3.70 1.17
CA CYS A 389 38.85 3.89 2.35
C CYS A 389 39.90 4.95 2.18
N GLU A 390 40.19 5.25 0.95
CA GLU A 390 41.18 6.24 0.72
C GLU A 390 40.53 7.60 0.76
N ALA A 391 39.37 7.68 0.13
CA ALA A 391 38.67 8.91 0.19
C ALA A 391 38.18 9.06 1.62
N ILE A 392 38.33 8.03 2.46
CA ILE A 392 37.88 8.20 3.85
C ILE A 392 39.03 8.80 4.60
N VAL A 393 40.24 8.33 4.31
CA VAL A 393 41.40 8.89 4.94
C VAL A 393 41.57 10.36 4.50
N ALA A 394 41.11 10.70 3.31
CA ALA A 394 41.27 12.09 2.89
C ALA A 394 40.35 13.10 3.58
N VAL A 395 39.54 12.73 4.55
CA VAL A 395 38.70 13.77 5.11
C VAL A 395 38.74 13.86 6.62
N LEU A 396 39.53 12.97 7.16
CA LEU A 396 39.70 12.80 8.58
C LEU A 396 40.37 13.96 9.32
N MET B 1 -4.62 -1.59 27.39
CA MET B 1 -4.78 -0.53 26.39
C MET B 1 -5.85 -0.82 25.35
N PHE B 2 -6.07 -2.12 25.09
CA PHE B 2 -7.04 -2.56 24.13
C PHE B 2 -8.28 -3.10 24.78
N GLU B 3 -8.36 -3.12 26.13
CA GLU B 3 -9.52 -3.66 26.84
C GLU B 3 -10.86 -3.09 26.41
N ASN B 4 -10.89 -1.84 25.96
CA ASN B 4 -12.14 -1.20 25.61
C ASN B 4 -12.45 -1.06 24.15
N ILE B 5 -11.56 -1.57 23.32
CA ILE B 5 -11.84 -1.43 21.95
C ILE B 5 -13.15 -2.09 21.58
N THR B 6 -13.89 -1.32 20.85
CA THR B 6 -15.14 -1.72 20.35
C THR B 6 -14.87 -2.42 19.03
N ALA B 7 -15.63 -3.47 18.75
CA ALA B 7 -15.49 -4.15 17.49
C ALA B 7 -16.05 -3.24 16.43
N ALA B 8 -15.37 -3.14 15.30
CA ALA B 8 -15.88 -2.30 14.24
C ALA B 8 -17.04 -2.94 13.49
N PRO B 9 -17.93 -2.11 12.90
CA PRO B 9 -19.02 -2.68 12.13
C PRO B 9 -18.43 -3.32 10.89
N ALA B 10 -19.30 -4.01 10.18
CA ALA B 10 -18.84 -4.70 9.00
C ALA B 10 -18.92 -3.88 7.73
N ASP B 11 -18.01 -4.23 6.81
CA ASP B 11 -17.98 -3.62 5.51
C ASP B 11 -19.18 -4.19 4.76
N PRO B 12 -20.08 -3.30 4.37
CA PRO B 12 -21.27 -3.69 3.65
C PRO B 12 -20.87 -4.57 2.47
N ILE B 13 -19.73 -4.29 1.83
CA ILE B 13 -19.36 -5.12 0.71
C ILE B 13 -18.43 -6.23 1.11
N LEU B 14 -17.27 -5.80 1.56
CA LEU B 14 -16.23 -6.71 1.94
C LEU B 14 -16.72 -7.77 2.89
N GLY B 15 -17.40 -7.34 3.93
CA GLY B 15 -17.89 -8.30 4.90
C GLY B 15 -18.91 -9.30 4.36
N LEU B 16 -19.42 -9.05 3.16
CA LEU B 16 -20.39 -9.94 2.58
C LEU B 16 -19.68 -11.19 2.07
N ALA B 17 -18.55 -10.96 1.37
CA ALA B 17 -17.74 -12.04 0.84
C ALA B 17 -17.44 -13.06 1.95
N ASP B 18 -17.21 -12.59 3.16
CA ASP B 18 -16.96 -13.53 4.23
C ASP B 18 -18.15 -14.44 4.42
N LEU B 19 -19.29 -13.82 4.58
CA LEU B 19 -20.57 -14.50 4.74
C LEU B 19 -20.76 -15.56 3.66
N PHE B 20 -20.35 -15.19 2.46
CA PHE B 20 -20.45 -16.04 1.29
C PHE B 20 -19.55 -17.26 1.40
N ARG B 21 -18.29 -16.95 1.64
CA ARG B 21 -17.27 -17.94 1.77
C ARG B 21 -17.70 -18.99 2.79
N ALA B 22 -18.29 -18.54 3.91
CA ALA B 22 -18.72 -19.42 5.00
C ALA B 22 -20.01 -20.20 4.79
N ASP B 23 -20.70 -20.00 3.70
CA ASP B 23 -21.90 -20.75 3.58
C ASP B 23 -21.76 -22.08 2.87
N GLU B 24 -22.09 -23.15 3.58
CA GLU B 24 -21.93 -24.49 3.04
C GLU B 24 -22.92 -24.89 1.97
N ARG B 25 -23.89 -24.02 1.70
CA ARG B 25 -24.86 -24.29 0.67
C ARG B 25 -24.18 -24.61 -0.61
N PRO B 26 -24.81 -25.46 -1.37
CA PRO B 26 -24.30 -25.94 -2.62
C PRO B 26 -24.30 -24.94 -3.77
N GLY B 27 -25.48 -24.59 -4.26
CA GLY B 27 -25.57 -23.70 -5.41
C GLY B 27 -25.59 -22.20 -5.13
N LYS B 28 -24.78 -21.73 -4.17
CA LYS B 28 -24.72 -20.31 -3.86
C LYS B 28 -24.23 -19.49 -5.06
N ILE B 29 -24.76 -18.30 -5.21
CA ILE B 29 -24.40 -17.39 -6.28
C ILE B 29 -23.83 -16.11 -5.70
N ASN B 30 -22.85 -15.51 -6.34
CA ASN B 30 -22.29 -14.34 -5.74
C ASN B 30 -22.43 -13.16 -6.59
N LEU B 31 -23.44 -12.34 -6.31
CA LEU B 31 -23.62 -11.10 -7.04
C LEU B 31 -23.20 -9.87 -6.22
N GLY B 32 -22.41 -10.10 -5.17
CA GLY B 32 -21.95 -9.04 -4.30
C GLY B 32 -20.86 -8.18 -4.88
N ILE B 33 -19.60 -8.50 -4.50
CA ILE B 33 -18.41 -7.76 -4.90
C ILE B 33 -18.17 -7.74 -6.37
N GLY B 34 -17.73 -6.61 -6.86
CA GLY B 34 -17.50 -6.46 -8.26
C GLY B 34 -16.24 -7.17 -8.69
N LEU B 35 -16.44 -8.37 -9.23
CA LEU B 35 -15.36 -9.19 -9.72
C LEU B 35 -15.83 -9.69 -11.05
N TYR B 36 -15.01 -9.63 -12.09
CA TYR B 36 -15.47 -10.14 -13.38
C TYR B 36 -15.39 -11.64 -13.36
N TYR B 37 -16.42 -12.35 -13.82
CA TYR B 37 -16.38 -13.82 -13.84
C TYR B 37 -16.51 -14.27 -15.29
N ASP B 38 -16.04 -15.44 -15.61
CA ASP B 38 -16.20 -15.86 -16.98
C ASP B 38 -17.31 -16.86 -17.05
N GLU B 39 -17.69 -17.18 -18.29
CA GLU B 39 -18.73 -18.15 -18.62
C GLU B 39 -18.64 -19.34 -17.72
N THR B 40 -17.42 -19.74 -17.42
CA THR B 40 -17.27 -20.88 -16.53
C THR B 40 -17.37 -20.56 -15.06
N GLY B 41 -17.71 -19.34 -14.71
CA GLY B 41 -17.83 -19.02 -13.32
C GLY B 41 -16.50 -18.83 -12.60
N LYS B 42 -15.40 -18.56 -13.32
CA LYS B 42 -14.18 -18.32 -12.57
C LYS B 42 -13.64 -16.95 -12.79
N ILE B 43 -12.76 -16.51 -11.88
CA ILE B 43 -12.12 -15.22 -11.88
C ILE B 43 -10.71 -15.44 -12.31
N PRO B 44 -10.51 -15.44 -13.61
CA PRO B 44 -9.24 -15.73 -14.22
C PRO B 44 -8.21 -14.61 -14.33
N VAL B 45 -6.97 -15.04 -14.53
CA VAL B 45 -5.89 -14.16 -14.80
C VAL B 45 -5.92 -13.96 -16.31
N LEU B 46 -5.84 -12.74 -16.76
CA LEU B 46 -5.87 -12.50 -18.18
C LEU B 46 -4.62 -13.22 -18.78
N THR B 47 -4.61 -13.57 -20.06
CA THR B 47 -3.42 -14.19 -20.62
C THR B 47 -2.34 -13.18 -20.92
N SER B 48 -2.74 -11.96 -21.23
CA SER B 48 -1.82 -10.89 -21.50
C SER B 48 -0.99 -10.70 -20.25
N VAL B 49 -1.61 -10.81 -19.07
CA VAL B 49 -0.96 -10.63 -17.75
C VAL B 49 0.04 -11.77 -17.51
N LYS B 50 -0.41 -13.02 -17.70
CA LYS B 50 0.47 -14.19 -17.55
C LYS B 50 1.64 -14.05 -18.51
N LYS B 51 1.36 -13.55 -19.68
CA LYS B 51 2.41 -13.32 -20.63
C LYS B 51 3.40 -12.34 -20.03
N ALA B 52 2.91 -11.23 -19.47
CA ALA B 52 3.80 -10.22 -18.90
C ALA B 52 4.59 -10.72 -17.69
N GLU B 53 3.94 -11.54 -16.89
CA GLU B 53 4.56 -12.08 -15.71
C GLU B 53 5.78 -12.97 -16.04
N GLN B 54 5.65 -13.69 -17.16
CA GLN B 54 6.71 -14.59 -17.57
C GLN B 54 7.88 -13.76 -17.92
N TYR B 55 7.57 -12.72 -18.68
CA TYR B 55 8.56 -11.79 -19.11
C TYR B 55 9.27 -11.20 -17.92
N LEU B 56 8.49 -10.81 -16.90
CA LEU B 56 9.13 -10.21 -15.74
C LEU B 56 9.96 -11.24 -15.04
N LEU B 57 9.42 -12.43 -14.91
CA LEU B 57 10.14 -13.55 -14.25
C LEU B 57 11.52 -13.76 -14.85
N GLU B 58 11.55 -13.69 -16.17
CA GLU B 58 12.75 -13.92 -16.94
C GLU B 58 13.67 -12.75 -16.98
N ASN B 59 13.10 -11.55 -17.02
CA ASN B 59 13.94 -10.39 -17.16
C ASN B 59 14.34 -9.62 -15.92
N GLU B 60 13.54 -9.65 -14.89
CA GLU B 60 13.88 -8.90 -13.69
C GLU B 60 15.17 -9.36 -13.08
N THR B 61 16.02 -8.41 -12.77
CA THR B 61 17.30 -8.66 -12.14
C THR B 61 17.43 -8.04 -10.77
N THR B 62 16.43 -7.31 -10.30
CA THR B 62 16.54 -6.73 -8.96
C THR B 62 15.20 -6.37 -8.37
N LYS B 63 15.12 -6.28 -7.05
CA LYS B 63 13.85 -5.91 -6.46
C LYS B 63 13.91 -4.55 -5.71
N LEU B 64 14.89 -3.78 -6.16
CA LEU B 64 15.28 -2.44 -5.75
C LEU B 64 14.08 -1.56 -5.58
N TYR B 65 14.03 -0.83 -4.46
CA TYR B 65 12.88 0.05 -4.16
C TYR B 65 12.47 0.89 -5.35
N LEU B 66 11.21 1.04 -5.60
CA LEU B 66 10.85 1.94 -6.68
C LEU B 66 10.79 3.38 -6.10
N GLY B 67 10.80 4.38 -6.99
CA GLY B 67 10.70 5.73 -6.53
C GLY B 67 9.34 5.85 -5.87
N ILE B 68 9.20 6.83 -4.98
CA ILE B 68 7.98 7.04 -4.27
C ILE B 68 6.80 7.13 -5.18
N ASP B 69 7.06 7.63 -6.35
CA ASP B 69 5.95 7.76 -7.26
C ASP B 69 5.82 6.60 -8.20
N GLY B 70 6.68 5.58 -8.02
CA GLY B 70 6.58 4.39 -8.86
C GLY B 70 7.33 4.37 -10.19
N ILE B 71 6.89 3.44 -11.05
CA ILE B 71 7.50 3.17 -12.33
C ILE B 71 7.18 4.21 -13.35
N PRO B 72 8.17 4.96 -13.77
CA PRO B 72 7.96 6.04 -14.67
C PRO B 72 7.12 5.78 -15.88
N GLU B 73 7.42 4.71 -16.53
CA GLU B 73 6.70 4.36 -17.74
C GLU B 73 5.25 4.03 -17.46
N PHE B 74 5.00 3.52 -16.27
CA PHE B 74 3.64 3.20 -15.88
C PHE B 74 2.84 4.49 -15.89
N GLY B 75 3.47 5.55 -15.31
CA GLY B 75 2.93 6.88 -15.22
C GLY B 75 2.54 7.41 -16.60
N ARG B 76 3.51 7.40 -17.49
CA ARG B 76 3.34 7.87 -18.85
C ARG B 76 2.16 7.21 -19.51
N CYS B 77 2.12 5.92 -19.40
CA CYS B 77 1.05 5.18 -20.03
C CYS B 77 -0.25 5.53 -19.39
N THR B 78 -0.22 5.77 -18.08
CA THR B 78 -1.48 6.11 -17.44
C THR B 78 -2.00 7.44 -17.97
N GLN B 79 -1.13 8.44 -18.06
CA GLN B 79 -1.58 9.71 -18.52
C GLN B 79 -2.16 9.60 -19.93
N GLU B 80 -1.55 8.75 -20.77
CA GLU B 80 -2.03 8.58 -22.14
C GLU B 80 -3.37 7.95 -22.23
N LEU B 81 -3.64 7.02 -21.34
CA LEU B 81 -4.92 6.36 -21.33
C LEU B 81 -6.02 7.29 -20.85
N LEU B 82 -5.64 8.11 -19.86
CA LEU B 82 -6.49 9.08 -19.21
C LEU B 82 -6.86 10.23 -20.13
N PHE B 83 -5.83 10.96 -20.58
CA PHE B 83 -5.92 12.17 -21.39
C PHE B 83 -5.81 12.05 -22.92
N GLY B 84 -5.02 11.14 -23.51
CA GLY B 84 -5.08 11.01 -25.05
C GLY B 84 -3.73 11.14 -25.80
N LYS B 85 -3.76 11.01 -27.12
CA LYS B 85 -2.50 11.11 -27.87
C LYS B 85 -1.84 12.47 -27.61
N GLY B 86 -2.47 13.47 -28.14
CA GLY B 86 -1.94 14.78 -28.04
C GLY B 86 -2.44 15.54 -26.90
N SER B 87 -2.52 15.10 -25.86
CA SER B 87 -3.02 15.99 -24.99
C SER B 87 -1.96 17.00 -24.53
N ALA B 88 -2.47 18.20 -24.37
CA ALA B 88 -1.73 19.32 -23.90
C ALA B 88 -1.14 19.08 -22.54
N LEU B 89 -2.00 18.53 -21.66
CA LEU B 89 -1.61 18.27 -20.29
C LEU B 89 -0.26 17.64 -20.23
N ILE B 90 -0.07 16.81 -21.26
CA ILE B 90 1.15 16.07 -21.40
C ILE B 90 2.22 16.91 -22.04
N ASN B 91 1.84 17.57 -23.10
CA ASN B 91 2.85 18.36 -23.73
C ASN B 91 3.25 19.49 -22.89
N ASP B 92 2.30 20.00 -22.12
CA ASP B 92 2.60 21.10 -21.25
C ASP B 92 3.21 20.67 -19.95
N LYS B 93 3.47 19.37 -19.82
CA LYS B 93 4.08 18.86 -18.62
C LYS B 93 3.36 19.29 -17.36
N ARG B 94 2.05 19.27 -17.50
CA ARG B 94 1.07 19.72 -16.51
C ARG B 94 0.42 18.68 -15.62
N ALA B 95 0.84 17.42 -15.74
CA ALA B 95 0.29 16.29 -15.00
C ALA B 95 1.39 15.40 -14.52
N ARG B 96 1.36 15.06 -13.23
CA ARG B 96 2.25 14.17 -12.52
C ARG B 96 1.42 13.00 -11.99
N THR B 97 1.81 11.76 -12.26
CA THR B 97 1.10 10.57 -11.80
C THR B 97 1.90 9.73 -10.80
N ALA B 98 1.26 9.35 -9.70
CA ALA B 98 1.90 8.52 -8.73
C ALA B 98 1.19 7.18 -8.82
N GLN B 99 1.99 6.13 -8.87
CA GLN B 99 1.45 4.80 -8.92
C GLN B 99 1.09 4.47 -7.48
N THR B 100 -0.07 3.93 -7.24
CA THR B 100 -0.42 3.69 -5.84
C THR B 100 -0.96 2.31 -5.68
N PRO B 101 -1.14 1.90 -4.45
CA PRO B 101 -1.71 0.59 -4.20
C PRO B 101 -3.23 0.56 -4.39
N GLY B 102 -3.68 0.42 -5.64
CA GLY B 102 -5.10 0.35 -5.96
C GLY B 102 -5.76 1.72 -6.17
N GLY B 103 -6.97 1.74 -6.69
CA GLY B 103 -7.65 3.01 -6.85
C GLY B 103 -8.01 3.54 -5.47
N SER B 104 -8.02 2.65 -4.53
CA SER B 104 -8.32 2.97 -3.19
C SER B 104 -7.20 3.75 -2.57
N GLY B 105 -6.01 3.28 -2.82
CA GLY B 105 -4.83 3.86 -2.24
C GLY B 105 -4.59 5.26 -2.76
N ALA B 106 -5.06 5.48 -3.98
CA ALA B 106 -4.89 6.74 -4.64
C ALA B 106 -5.86 7.78 -4.13
N LEU B 107 -6.94 7.31 -3.52
CA LEU B 107 -7.99 8.14 -2.98
C LEU B 107 -7.53 8.60 -1.62
N ARG B 108 -6.94 7.69 -0.89
CA ARG B 108 -6.40 8.03 0.39
C ARG B 108 -5.32 9.03 0.15
N VAL B 109 -4.40 8.74 -0.76
CA VAL B 109 -3.30 9.66 -1.05
C VAL B 109 -3.77 11.08 -1.40
N ALA B 110 -4.79 11.16 -2.21
CA ALA B 110 -5.27 12.45 -2.60
C ALA B 110 -5.88 13.14 -1.38
N ALA B 111 -6.62 12.36 -0.59
CA ALA B 111 -7.25 12.81 0.61
C ALA B 111 -6.25 13.43 1.58
N ASP B 112 -5.23 12.67 1.96
CA ASP B 112 -4.23 13.15 2.86
C ASP B 112 -3.56 14.34 2.23
N PHE B 113 -3.49 14.34 0.92
CA PHE B 113 -2.79 15.44 0.33
C PHE B 113 -3.54 16.73 0.50
N LEU B 114 -4.81 16.63 0.19
CA LEU B 114 -5.76 17.72 0.28
C LEU B 114 -5.90 18.24 1.73
N ALA B 115 -6.09 17.33 2.66
CA ALA B 115 -6.25 17.67 4.05
C ALA B 115 -5.02 18.36 4.62
N LYS B 116 -3.87 18.05 4.09
CA LYS B 116 -2.68 18.64 4.63
C LYS B 116 -2.15 19.81 3.85
N ASN B 117 -2.47 19.89 2.57
CA ASN B 117 -1.87 20.93 1.79
C ASN B 117 -2.81 21.91 1.22
N THR B 118 -4.05 21.73 1.52
CA THR B 118 -4.97 22.70 1.02
C THR B 118 -5.99 23.11 2.06
N SER B 119 -6.84 24.02 1.67
CA SER B 119 -7.84 24.48 2.57
C SER B 119 -9.16 23.74 2.29
N VAL B 120 -9.06 22.54 1.77
CA VAL B 120 -10.27 21.81 1.50
C VAL B 120 -10.86 21.34 2.81
N LYS B 121 -12.15 21.41 2.94
CA LYS B 121 -12.81 20.95 4.16
C LYS B 121 -13.83 19.85 3.87
N ARG B 122 -14.55 19.99 2.77
CA ARG B 122 -15.53 18.98 2.44
C ARG B 122 -15.42 18.45 1.04
N VAL B 123 -15.78 17.19 0.92
CA VAL B 123 -15.81 16.55 -0.37
C VAL B 123 -17.24 16.13 -0.70
N TRP B 124 -17.67 16.46 -1.90
CA TRP B 124 -19.04 16.15 -2.33
C TRP B 124 -19.13 14.83 -3.11
N VAL B 125 -19.88 13.87 -2.59
CA VAL B 125 -19.95 12.64 -3.30
C VAL B 125 -21.37 12.37 -3.64
N SER B 126 -21.60 11.68 -4.75
CA SER B 126 -22.92 11.36 -5.24
C SER B 126 -23.72 10.44 -4.31
N ASN B 127 -25.02 10.51 -4.47
CA ASN B 127 -25.87 9.68 -3.69
C ASN B 127 -26.74 8.89 -4.65
N PRO B 128 -26.61 7.55 -4.65
CA PRO B 128 -25.71 6.81 -3.77
C PRO B 128 -24.32 6.79 -4.34
N SER B 129 -23.38 6.30 -3.54
CA SER B 129 -21.97 6.19 -3.93
C SER B 129 -21.32 4.95 -3.38
N TRP B 130 -20.13 4.75 -3.77
CA TRP B 130 -19.39 3.64 -3.30
C TRP B 130 -19.04 3.90 -1.82
N PRO B 131 -19.58 3.09 -0.94
CA PRO B 131 -19.41 3.23 0.47
C PRO B 131 -18.01 3.52 0.94
N ASN B 132 -17.02 2.98 0.24
CA ASN B 132 -15.69 3.24 0.72
C ASN B 132 -15.32 4.70 0.65
N HIS B 133 -16.00 5.42 -0.21
CA HIS B 133 -15.69 6.82 -0.37
C HIS B 133 -15.71 7.65 0.96
N LYS B 134 -16.75 7.48 1.79
CA LYS B 134 -16.81 8.27 2.99
C LYS B 134 -15.77 7.99 4.04
N SER B 135 -15.45 6.72 4.18
CA SER B 135 -14.42 6.28 5.10
C SER B 135 -13.08 6.84 4.74
N VAL B 136 -12.70 6.72 3.49
CA VAL B 136 -11.40 7.24 3.13
C VAL B 136 -11.25 8.72 3.40
N PHE B 137 -12.26 9.48 3.02
CA PHE B 137 -12.23 10.91 3.25
C PHE B 137 -12.31 11.25 4.72
N ASN B 138 -13.24 10.59 5.42
CA ASN B 138 -13.39 10.79 6.84
C ASN B 138 -12.09 10.56 7.59
N SER B 139 -11.32 9.62 7.09
CA SER B 139 -10.06 9.29 7.71
C SER B 139 -9.05 10.38 7.57
N ALA B 140 -9.17 11.15 6.51
CA ALA B 140 -8.23 12.21 6.34
C ALA B 140 -8.74 13.45 7.06
N GLY B 141 -9.80 13.28 7.81
CA GLY B 141 -10.36 14.42 8.50
C GLY B 141 -11.23 15.30 7.60
N LEU B 142 -11.59 14.82 6.41
CA LEU B 142 -12.42 15.63 5.52
C LEU B 142 -13.89 15.30 5.69
N GLU B 143 -14.70 16.31 5.43
CA GLU B 143 -16.12 16.17 5.56
C GLU B 143 -16.74 15.69 4.27
N VAL B 144 -17.61 14.70 4.38
CA VAL B 144 -18.25 14.20 3.21
C VAL B 144 -19.70 14.63 3.14
N ARG B 145 -20.00 15.35 2.08
CA ARG B 145 -21.34 15.79 1.82
C ARG B 145 -21.81 15.05 0.56
N GLU B 146 -23.11 15.00 0.31
CA GLU B 146 -23.62 14.26 -0.84
C GLU B 146 -24.50 15.05 -1.73
N TYR B 147 -24.43 14.72 -2.97
CA TYR B 147 -25.24 15.40 -3.91
C TYR B 147 -26.13 14.43 -4.62
N ALA B 148 -27.35 14.86 -4.83
CA ALA B 148 -28.33 14.03 -5.48
C ALA B 148 -27.91 13.65 -6.89
N TYR B 149 -28.28 12.45 -7.26
CA TYR B 149 -27.86 11.97 -8.53
C TYR B 149 -28.83 11.04 -9.26
N TYR B 150 -29.39 10.12 -8.53
CA TYR B 150 -30.21 9.11 -9.16
C TYR B 150 -31.71 9.16 -9.05
N ASP B 151 -32.36 9.09 -10.20
CA ASP B 151 -33.81 9.06 -10.23
C ASP B 151 -34.32 7.63 -10.07
N ALA B 152 -34.54 7.25 -8.83
CA ALA B 152 -35.01 5.92 -8.55
C ALA B 152 -36.31 5.60 -9.26
N GLU B 153 -37.24 6.54 -9.28
CA GLU B 153 -38.52 6.28 -9.93
C GLU B 153 -38.32 6.04 -11.39
N ASN B 154 -37.40 6.77 -11.98
CA ASN B 154 -37.23 6.61 -13.40
C ASN B 154 -36.06 5.78 -13.91
N HIS B 155 -35.09 5.57 -13.01
CA HIS B 155 -33.90 4.82 -13.37
C HIS B 155 -33.07 5.63 -14.32
N THR B 156 -32.68 6.81 -13.89
CA THR B 156 -31.87 7.68 -14.70
C THR B 156 -31.20 8.63 -13.79
N LEU B 157 -30.40 9.44 -14.47
CA LEU B 157 -29.62 10.51 -13.88
C LEU B 157 -30.53 11.71 -13.69
N ASP B 158 -30.79 12.09 -12.45
CA ASP B 158 -31.60 13.26 -12.19
C ASP B 158 -30.77 14.55 -12.30
N PHE B 159 -30.61 15.05 -13.51
CA PHE B 159 -29.79 16.24 -13.74
C PHE B 159 -30.05 17.46 -12.85
N ASP B 160 -31.26 18.03 -12.93
CA ASP B 160 -31.50 19.20 -12.11
C ASP B 160 -31.34 18.94 -10.64
N ALA B 161 -31.84 17.79 -10.21
CA ALA B 161 -31.69 17.42 -8.81
C ALA B 161 -30.21 17.46 -8.41
N LEU B 162 -29.38 16.92 -9.33
CA LEU B 162 -27.94 16.89 -9.15
C LEU B 162 -27.48 18.33 -9.03
N ILE B 163 -27.70 19.07 -10.11
CA ILE B 163 -27.35 20.48 -10.24
C ILE B 163 -27.76 21.38 -9.09
N ASN B 164 -28.98 21.18 -8.64
CA ASN B 164 -29.52 21.94 -7.55
C ASN B 164 -28.84 21.58 -6.25
N SER B 165 -28.37 20.35 -6.15
CA SER B 165 -27.68 19.88 -4.97
C SER B 165 -26.33 20.53 -4.78
N LEU B 166 -25.56 20.64 -5.88
CA LEU B 166 -24.19 21.18 -5.89
C LEU B 166 -24.06 22.66 -5.67
N ASN B 167 -25.13 23.37 -5.99
CA ASN B 167 -25.15 24.79 -5.80
C ASN B 167 -24.80 25.10 -4.37
N GLU B 168 -25.11 24.16 -3.51
CA GLU B 168 -24.81 24.30 -2.11
C GLU B 168 -23.33 24.09 -1.83
N ALA B 169 -22.62 23.66 -2.87
CA ALA B 169 -21.21 23.40 -2.74
C ALA B 169 -20.44 24.69 -2.97
N GLN B 170 -19.58 25.08 -2.01
CA GLN B 170 -18.80 26.30 -2.08
C GLN B 170 -17.58 26.19 -3.01
N ALA B 171 -16.93 27.32 -3.36
CA ALA B 171 -15.77 27.22 -4.22
C ALA B 171 -14.66 26.71 -3.33
N GLY B 172 -13.73 25.95 -3.90
CA GLY B 172 -12.65 25.38 -3.10
C GLY B 172 -13.07 24.07 -2.43
N ASP B 173 -14.27 23.64 -2.80
CA ASP B 173 -14.90 22.40 -2.35
C ASP B 173 -14.58 21.30 -3.38
N VAL B 174 -14.27 20.12 -2.91
CA VAL B 174 -13.96 19.04 -3.83
C VAL B 174 -15.20 18.29 -4.32
N VAL B 175 -15.35 18.24 -5.64
CA VAL B 175 -16.46 17.49 -6.18
C VAL B 175 -16.04 16.17 -6.91
N LEU B 176 -16.44 15.05 -6.27
CA LEU B 176 -16.13 13.70 -6.70
C LEU B 176 -17.00 13.12 -7.79
N PHE B 177 -16.38 12.86 -8.92
CA PHE B 177 -17.07 12.24 -10.03
C PHE B 177 -16.50 10.83 -10.39
N HIS B 178 -17.39 9.92 -10.78
CA HIS B 178 -17.09 8.56 -11.21
C HIS B 178 -16.86 8.65 -12.70
N GLY B 179 -15.65 8.30 -13.19
CA GLY B 179 -15.33 8.47 -14.60
C GLY B 179 -16.35 7.90 -15.57
N CYS B 180 -16.78 6.69 -15.27
CA CYS B 180 -17.72 6.02 -16.14
C CYS B 180 -18.16 4.83 -15.36
N CYS B 181 -19.26 4.22 -15.75
CA CYS B 181 -19.72 3.05 -15.00
C CYS B 181 -19.99 3.41 -13.55
N HIS B 182 -20.88 4.38 -13.33
CA HIS B 182 -21.25 4.81 -11.97
C HIS B 182 -21.50 3.62 -11.02
N ASN B 183 -20.74 3.59 -9.94
CA ASN B 183 -20.90 2.54 -8.96
C ASN B 183 -21.60 3.18 -7.76
N PRO B 184 -22.81 2.72 -7.39
CA PRO B 184 -23.48 1.55 -7.91
C PRO B 184 -24.56 1.66 -8.96
N THR B 185 -24.88 2.81 -9.50
CA THR B 185 -26.01 2.85 -10.41
C THR B 185 -25.90 2.35 -11.82
N GLY B 186 -24.75 2.55 -12.47
CA GLY B 186 -24.61 2.16 -13.86
C GLY B 186 -24.99 3.27 -14.83
N ILE B 187 -25.38 4.44 -14.28
CA ILE B 187 -25.77 5.60 -15.07
C ILE B 187 -24.71 6.66 -15.06
N ASP B 188 -24.30 7.05 -16.25
CA ASP B 188 -23.28 8.04 -16.41
C ASP B 188 -23.79 9.23 -17.24
N PRO B 189 -23.34 10.46 -16.92
CA PRO B 189 -23.81 11.57 -17.67
C PRO B 189 -23.45 11.38 -19.13
N THR B 190 -24.18 12.08 -20.01
CA THR B 190 -23.99 12.09 -21.46
C THR B 190 -22.84 13.05 -21.71
N LEU B 191 -22.23 13.03 -22.88
CA LEU B 191 -21.16 13.97 -23.14
C LEU B 191 -21.58 15.44 -22.92
N GLU B 192 -22.85 15.73 -23.17
CA GLU B 192 -23.29 17.08 -22.97
C GLU B 192 -23.41 17.40 -21.51
N GLN B 193 -24.01 16.50 -20.76
CA GLN B 193 -24.10 16.72 -19.32
C GLN B 193 -22.72 16.95 -18.71
N TRP B 194 -21.75 16.15 -19.16
CA TRP B 194 -20.41 16.28 -18.72
C TRP B 194 -19.87 17.66 -19.06
N GLN B 195 -20.19 18.11 -20.27
CA GLN B 195 -19.77 19.41 -20.72
C GLN B 195 -20.29 20.45 -19.75
N THR B 196 -21.58 20.39 -19.54
CA THR B 196 -22.28 21.26 -18.62
C THR B 196 -21.60 21.34 -17.28
N LEU B 197 -21.50 20.18 -16.67
CA LEU B 197 -20.88 20.03 -15.38
C LEU B 197 -19.52 20.70 -15.36
N ALA B 198 -18.81 20.51 -16.47
CA ALA B 198 -17.49 21.07 -16.65
C ALA B 198 -17.48 22.57 -16.48
N GLN B 199 -18.26 23.23 -17.33
CA GLN B 199 -18.37 24.67 -17.30
C GLN B 199 -18.83 25.12 -15.93
N LEU B 200 -19.84 24.45 -15.46
CA LEU B 200 -20.34 24.77 -14.17
C LEU B 200 -19.29 24.81 -13.04
N SER B 201 -18.54 23.72 -12.85
CA SER B 201 -17.56 23.66 -11.78
C SER B 201 -16.46 24.68 -11.93
N VAL B 202 -16.25 25.13 -13.17
CA VAL B 202 -15.25 26.13 -13.47
C VAL B 202 -15.69 27.39 -12.73
N GLU B 203 -16.92 27.77 -13.02
CA GLU B 203 -17.57 28.92 -12.46
C GLU B 203 -17.85 28.87 -10.96
N LYS B 204 -18.14 27.72 -10.42
CA LYS B 204 -18.42 27.62 -9.00
C LYS B 204 -17.13 27.52 -8.13
N GLY B 205 -16.00 27.20 -8.76
CA GLY B 205 -14.75 27.10 -8.03
C GLY B 205 -14.56 25.80 -7.30
N TRP B 206 -14.96 24.72 -7.96
CA TRP B 206 -14.83 23.37 -7.40
C TRP B 206 -13.56 22.62 -7.82
N LEU B 207 -12.97 21.83 -6.91
CA LEU B 207 -11.83 21.04 -7.32
C LEU B 207 -12.42 19.71 -7.77
N PRO B 208 -12.26 19.30 -9.06
CA PRO B 208 -12.83 18.00 -9.46
C PRO B 208 -11.85 16.83 -9.16
N LEU B 209 -12.40 15.75 -8.58
CA LEU B 209 -11.69 14.54 -8.22
C LEU B 209 -12.36 13.42 -8.97
N PHE B 210 -11.64 12.76 -9.85
CA PHE B 210 -12.30 11.68 -10.59
C PHE B 210 -11.88 10.34 -10.11
N ASP B 211 -12.87 9.51 -9.87
CA ASP B 211 -12.68 8.17 -9.47
C ASP B 211 -12.93 7.39 -10.75
N PHE B 212 -11.88 6.82 -11.35
CA PHE B 212 -11.98 6.14 -12.65
C PHE B 212 -11.59 4.67 -12.55
N ALA B 213 -12.47 3.80 -12.07
CA ALA B 213 -12.09 2.45 -11.84
C ALA B 213 -12.53 1.44 -12.88
N TYR B 214 -13.22 1.88 -13.92
CA TYR B 214 -13.72 0.98 -14.94
C TYR B 214 -13.45 1.43 -16.36
N GLN B 215 -12.32 2.08 -16.63
CA GLN B 215 -12.07 2.51 -17.98
C GLN B 215 -12.07 1.31 -18.92
N GLY B 216 -12.95 1.37 -19.91
CA GLY B 216 -13.05 0.28 -20.87
C GLY B 216 -14.28 -0.59 -20.70
N PHE B 217 -15.04 -0.42 -19.62
CA PHE B 217 -16.22 -1.29 -19.45
C PHE B 217 -17.52 -0.73 -19.88
N ALA B 218 -17.56 0.54 -20.23
CA ALA B 218 -18.82 1.08 -20.66
C ALA B 218 -18.82 1.02 -22.15
N ARG B 219 -18.12 1.93 -22.80
CA ARG B 219 -18.12 1.86 -24.24
C ARG B 219 -16.77 1.36 -24.73
N GLY B 220 -15.69 2.03 -24.30
CA GLY B 220 -14.34 1.71 -24.69
C GLY B 220 -13.35 2.56 -23.95
N LEU B 221 -12.09 2.26 -24.20
CA LEU B 221 -11.01 2.95 -23.57
C LEU B 221 -11.11 4.45 -23.79
N GLU B 222 -11.11 4.84 -25.04
CA GLU B 222 -11.14 6.22 -25.44
C GLU B 222 -12.48 6.94 -25.17
N GLU B 223 -13.56 6.22 -25.24
CA GLU B 223 -14.84 6.86 -25.02
C GLU B 223 -15.21 7.04 -23.58
N ASP B 224 -14.71 6.16 -22.77
CA ASP B 224 -15.01 6.29 -21.39
C ASP B 224 -14.21 7.39 -20.74
N ALA B 225 -13.30 8.05 -21.48
CA ALA B 225 -12.44 9.11 -20.96
C ALA B 225 -12.97 10.51 -21.32
N GLU B 226 -14.07 10.51 -22.06
CA GLU B 226 -14.73 11.73 -22.52
C GLU B 226 -15.10 12.76 -21.49
N GLY B 227 -15.62 12.36 -20.36
CA GLY B 227 -16.00 13.36 -19.38
C GLY B 227 -14.79 13.93 -18.65
N LEU B 228 -13.81 13.09 -18.46
CA LEU B 228 -12.63 13.49 -17.77
C LEU B 228 -12.01 14.55 -18.63
N ARG B 229 -11.84 14.12 -19.86
CA ARG B 229 -11.23 14.86 -20.93
C ARG B 229 -11.91 16.20 -21.19
N ALA B 230 -13.21 16.29 -20.91
CA ALA B 230 -13.93 17.53 -21.11
C ALA B 230 -13.61 18.44 -19.96
N PHE B 231 -13.50 17.83 -18.77
CA PHE B 231 -13.13 18.56 -17.60
C PHE B 231 -11.70 19.06 -17.78
N ALA B 232 -10.82 18.17 -18.20
CA ALA B 232 -9.40 18.47 -18.41
C ALA B 232 -9.09 19.62 -19.34
N ALA B 233 -10.08 19.97 -20.17
CA ALA B 233 -10.01 21.06 -21.15
C ALA B 233 -10.41 22.44 -20.63
N MET B 234 -11.06 22.46 -19.47
CA MET B 234 -11.51 23.67 -18.86
C MET B 234 -10.82 24.01 -17.57
N HIS B 235 -10.28 22.97 -16.94
CA HIS B 235 -9.65 23.11 -15.67
C HIS B 235 -8.16 23.33 -15.68
N LYS B 236 -7.74 24.02 -14.62
CA LYS B 236 -6.36 24.32 -14.38
C LYS B 236 -5.87 23.19 -13.55
N GLU B 237 -6.75 22.83 -12.65
CA GLU B 237 -6.47 21.85 -11.68
C GLU B 237 -7.51 20.73 -11.60
N LEU B 238 -7.03 19.51 -11.35
CA LEU B 238 -7.86 18.36 -11.12
C LEU B 238 -7.11 17.16 -10.59
N ILE B 239 -7.86 16.26 -9.96
CA ILE B 239 -7.28 15.08 -9.41
C ILE B 239 -7.93 13.86 -9.96
N VAL B 240 -7.12 12.86 -10.29
CA VAL B 240 -7.62 11.62 -10.85
C VAL B 240 -7.13 10.39 -10.13
N ALA B 241 -8.10 9.62 -9.67
CA ALA B 241 -7.81 8.42 -8.97
C ALA B 241 -8.26 7.27 -9.85
N SER B 242 -7.32 6.60 -10.53
CA SER B 242 -7.72 5.50 -11.41
C SER B 242 -7.31 4.14 -10.90
N SER B 243 -7.95 3.12 -11.42
CA SER B 243 -7.59 1.79 -10.95
C SER B 243 -7.36 0.83 -12.09
N TYR B 244 -6.46 -0.12 -11.91
CA TYR B 244 -6.27 -1.08 -12.98
C TYR B 244 -6.74 -2.44 -12.49
N SER B 245 -7.45 -2.41 -11.39
CA SER B 245 -7.93 -3.61 -10.75
C SER B 245 -8.88 -4.40 -11.59
N LYS B 246 -9.77 -3.69 -12.24
CA LYS B 246 -10.83 -4.29 -12.99
C LYS B 246 -10.56 -4.54 -14.46
N ASN B 247 -10.07 -3.55 -15.19
CA ASN B 247 -9.80 -3.74 -16.60
C ASN B 247 -8.62 -4.63 -16.93
N PHE B 248 -7.82 -5.03 -15.93
CA PHE B 248 -6.68 -5.91 -16.13
C PHE B 248 -6.77 -7.12 -15.21
N GLY B 249 -7.85 -7.22 -14.45
CA GLY B 249 -8.03 -8.35 -13.54
C GLY B 249 -6.94 -8.48 -12.52
N LEU B 250 -6.33 -7.38 -12.16
CA LEU B 250 -5.23 -7.40 -11.23
C LEU B 250 -5.61 -7.06 -9.80
N TYR B 251 -6.86 -7.30 -9.44
CA TYR B 251 -7.42 -7.07 -8.08
C TYR B 251 -6.44 -7.08 -6.90
N ASN B 252 -5.81 -8.20 -6.66
CA ASN B 252 -4.90 -8.34 -5.54
C ASN B 252 -3.49 -7.81 -5.64
N GLU B 253 -3.10 -7.32 -6.79
CA GLU B 253 -1.75 -6.79 -6.88
C GLU B 253 -1.74 -5.33 -6.54
N ARG B 254 -2.92 -4.76 -6.33
CA ARG B 254 -3.08 -3.35 -5.96
C ARG B 254 -2.45 -2.38 -6.97
N VAL B 255 -3.09 -2.21 -8.10
CA VAL B 255 -2.56 -1.33 -9.11
C VAL B 255 -3.48 -0.16 -9.39
N GLY B 256 -3.03 1.04 -9.16
CA GLY B 256 -3.83 2.19 -9.50
C GLY B 256 -2.93 3.37 -9.60
N ALA B 257 -3.53 4.52 -9.77
CA ALA B 257 -2.75 5.72 -9.84
C ALA B 257 -3.49 6.97 -9.39
N CYS B 258 -2.69 7.92 -8.89
CA CYS B 258 -3.14 9.23 -8.51
C CYS B 258 -2.54 10.23 -9.48
N THR B 259 -3.39 10.87 -10.26
CA THR B 259 -2.89 11.86 -11.17
C THR B 259 -3.30 13.28 -10.67
N LEU B 260 -2.32 14.16 -10.59
CA LEU B 260 -2.48 15.54 -10.16
C LEU B 260 -2.31 16.49 -11.35
N VAL B 261 -3.20 17.48 -11.54
CA VAL B 261 -2.99 18.41 -12.64
C VAL B 261 -3.13 19.86 -12.24
N ALA B 262 -2.03 20.64 -12.37
CA ALA B 262 -1.95 22.05 -12.00
C ALA B 262 -2.04 22.92 -13.23
N ALA B 263 -2.10 24.24 -13.07
CA ALA B 263 -2.18 25.11 -14.22
C ALA B 263 -0.92 25.05 -15.06
N ASP B 264 0.20 24.71 -14.42
CA ASP B 264 1.48 24.61 -15.10
C ASP B 264 2.44 23.67 -14.38
N SER B 265 3.63 23.47 -14.96
CA SER B 265 4.66 22.58 -14.44
C SER B 265 5.30 23.02 -13.15
N GLU B 266 5.59 24.30 -13.06
CA GLU B 266 6.23 24.78 -11.89
C GLU B 266 5.35 24.48 -10.69
N THR B 267 4.05 24.57 -10.95
CA THR B 267 3.02 24.34 -9.95
C THR B 267 2.83 22.88 -9.63
N VAL B 268 2.49 22.12 -10.68
CA VAL B 268 2.31 20.68 -10.54
C VAL B 268 3.49 19.98 -9.82
N ASP B 269 4.70 20.47 -10.05
CA ASP B 269 5.84 19.90 -9.40
C ASP B 269 5.86 20.18 -7.94
N ARG B 270 5.59 21.41 -7.60
CA ARG B 270 5.60 21.79 -6.21
C ARG B 270 4.59 20.93 -5.48
N ALA B 271 3.37 20.99 -5.98
CA ALA B 271 2.27 20.24 -5.38
C ALA B 271 2.58 18.78 -5.21
N PHE B 272 3.00 18.21 -6.34
CA PHE B 272 3.37 16.82 -6.37
C PHE B 272 4.37 16.46 -5.27
N SER B 273 5.29 17.39 -4.98
CA SER B 273 6.26 17.13 -3.96
C SER B 273 5.54 16.88 -2.65
N GLN B 274 4.38 17.57 -2.50
CA GLN B 274 3.59 17.42 -1.29
C GLN B 274 2.88 16.13 -1.29
N MET B 275 2.47 15.71 -2.47
CA MET B 275 1.84 14.41 -2.61
C MET B 275 2.83 13.27 -2.32
N LYS B 276 4.06 13.38 -2.81
CA LYS B 276 5.03 12.34 -2.51
C LYS B 276 5.32 12.28 -1.04
N ALA B 277 5.22 13.46 -0.40
CA ALA B 277 5.49 13.52 1.03
C ALA B 277 4.48 12.71 1.77
N ALA B 278 3.22 12.85 1.32
CA ALA B 278 2.10 12.14 1.94
C ALA B 278 2.27 10.62 1.81
N ILE B 279 2.86 10.21 0.68
CA ILE B 279 3.09 8.80 0.42
C ILE B 279 4.15 8.26 1.33
N ARG B 280 5.22 9.06 1.48
CA ARG B 280 6.33 8.75 2.32
C ARG B 280 5.88 8.42 3.72
N ALA B 281 4.90 9.15 4.21
CA ALA B 281 4.45 8.87 5.57
C ALA B 281 3.39 7.77 5.64
N ASN B 282 3.16 7.15 4.51
CA ASN B 282 2.17 6.09 4.41
C ASN B 282 2.83 4.73 4.16
N TYR B 283 2.89 4.30 2.89
CA TYR B 283 3.48 3.01 2.63
C TYR B 283 4.87 3.13 2.02
N SER B 284 5.27 4.38 1.73
CA SER B 284 6.61 4.72 1.22
C SER B 284 6.83 4.65 -0.29
N SER B 285 6.79 3.45 -0.83
CA SER B 285 6.91 3.21 -2.25
C SER B 285 5.89 2.18 -2.58
N PRO B 286 5.44 2.13 -3.81
CA PRO B 286 4.40 1.18 -4.17
C PRO B 286 4.94 -0.16 -4.65
N PRO B 287 4.12 -1.20 -4.51
CA PRO B 287 4.45 -2.56 -4.93
C PRO B 287 4.71 -2.64 -6.46
N ALA B 288 5.81 -3.19 -6.83
CA ALA B 288 6.10 -3.19 -8.24
C ALA B 288 5.40 -4.14 -9.17
N HIS B 289 5.24 -5.40 -8.77
CA HIS B 289 4.64 -6.44 -9.61
C HIS B 289 3.50 -6.03 -10.55
N GLY B 290 2.33 -5.83 -9.99
CA GLY B 290 1.18 -5.44 -10.76
C GLY B 290 1.43 -4.22 -11.64
N ALA B 291 2.15 -3.24 -11.15
CA ALA B 291 2.35 -2.10 -12.01
C ALA B 291 3.24 -2.41 -13.19
N SER B 292 4.29 -3.25 -12.96
CA SER B 292 5.27 -3.69 -13.98
C SER B 292 4.56 -4.48 -15.07
N VAL B 293 3.58 -5.27 -14.65
CA VAL B 293 2.75 -6.04 -15.54
C VAL B 293 1.95 -5.13 -16.45
N VAL B 294 1.47 -4.02 -15.88
CA VAL B 294 0.66 -3.06 -16.60
C VAL B 294 1.50 -2.22 -17.55
N ALA B 295 2.63 -1.75 -17.08
CA ALA B 295 3.47 -0.95 -17.95
C ALA B 295 3.88 -1.82 -19.15
N THR B 296 4.31 -3.08 -18.91
CA THR B 296 4.75 -4.01 -19.94
C THR B 296 3.66 -4.17 -21.00
N ILE B 297 2.47 -4.48 -20.50
CA ILE B 297 1.38 -4.65 -21.40
C ILE B 297 1.10 -3.46 -22.24
N LEU B 298 1.07 -2.24 -21.67
CA LEU B 298 0.77 -1.07 -22.48
C LEU B 298 1.90 -0.59 -23.33
N SER B 299 3.11 -0.97 -22.97
CA SER B 299 4.31 -0.57 -23.69
C SER B 299 4.46 -1.32 -24.99
N ASN B 300 4.10 -2.62 -24.93
CA ASN B 300 4.21 -3.58 -26.01
C ASN B 300 3.01 -3.65 -26.95
N ASP B 301 3.21 -3.43 -28.24
CA ASP B 301 2.11 -3.47 -29.20
C ASP B 301 1.37 -4.81 -29.27
N ALA B 302 2.13 -5.90 -29.21
CA ALA B 302 1.55 -7.21 -29.28
C ALA B 302 0.68 -7.52 -28.09
N LEU B 303 1.28 -7.49 -26.89
CA LEU B 303 0.58 -7.70 -25.61
C LEU B 303 -0.60 -6.74 -25.48
N ARG B 304 -0.38 -5.48 -25.80
CA ARG B 304 -1.43 -4.52 -25.68
C ARG B 304 -2.63 -4.91 -26.51
N ALA B 305 -2.37 -5.38 -27.73
CA ALA B 305 -3.45 -5.79 -28.65
C ALA B 305 -4.19 -6.96 -28.08
N ILE B 306 -3.46 -7.82 -27.49
CA ILE B 306 -4.08 -8.97 -26.92
C ILE B 306 -4.95 -8.56 -25.73
N TRP B 307 -4.38 -7.77 -24.77
CA TRP B 307 -5.11 -7.27 -23.60
C TRP B 307 -6.36 -6.50 -24.04
N GLU B 308 -6.23 -5.61 -25.01
CA GLU B 308 -7.40 -4.86 -25.42
C GLU B 308 -8.51 -5.75 -25.91
N GLN B 309 -8.13 -6.87 -26.48
CA GLN B 309 -9.15 -7.72 -26.94
C GLN B 309 -9.77 -8.45 -25.82
N GLU B 310 -8.99 -8.85 -24.81
CA GLU B 310 -9.60 -9.53 -23.66
C GLU B 310 -10.51 -8.53 -22.90
N LEU B 311 -10.10 -7.28 -22.86
CA LEU B 311 -10.95 -6.28 -22.26
C LEU B 311 -12.24 -6.23 -23.06
N THR B 312 -12.15 -6.02 -24.39
CA THR B 312 -13.38 -6.03 -25.14
C THR B 312 -14.18 -7.30 -24.97
N ASP B 313 -13.50 -8.41 -24.67
CA ASP B 313 -14.24 -9.65 -24.44
C ASP B 313 -14.97 -9.59 -23.09
N MET B 314 -14.34 -9.07 -22.06
CA MET B 314 -15.02 -8.99 -20.80
C MET B 314 -16.28 -8.10 -20.91
N ARG B 315 -16.12 -6.90 -21.46
CA ARG B 315 -17.24 -5.97 -21.62
C ARG B 315 -18.39 -6.56 -22.39
N GLN B 316 -18.08 -7.11 -23.54
CA GLN B 316 -19.13 -7.65 -24.35
C GLN B 316 -19.83 -8.75 -23.63
N ARG B 317 -19.12 -9.44 -22.78
CA ARG B 317 -19.77 -10.54 -22.11
C ARG B 317 -20.74 -10.03 -21.05
N ILE B 318 -20.40 -8.90 -20.43
CA ILE B 318 -21.29 -8.39 -19.46
C ILE B 318 -22.50 -7.88 -20.21
N GLN B 319 -22.29 -7.16 -21.32
CA GLN B 319 -23.39 -6.60 -22.11
C GLN B 319 -24.38 -7.67 -22.47
N ARG B 320 -23.82 -8.86 -22.69
CA ARG B 320 -24.60 -10.01 -23.06
C ARG B 320 -25.40 -10.61 -21.91
N MET B 321 -24.78 -10.70 -20.74
CA MET B 321 -25.43 -11.23 -19.56
C MET B 321 -26.58 -10.26 -19.19
N ARG B 322 -26.36 -8.95 -19.42
CA ARG B 322 -27.41 -8.00 -19.15
C ARG B 322 -28.68 -8.30 -19.91
N GLN B 323 -28.57 -8.41 -21.25
CA GLN B 323 -29.70 -8.74 -22.11
C GLN B 323 -30.30 -10.06 -21.73
N LEU B 324 -29.43 -10.94 -21.28
CA LEU B 324 -29.89 -12.24 -20.92
C LEU B 324 -30.67 -12.23 -19.61
N PHE B 325 -30.25 -11.34 -18.70
CA PHE B 325 -30.86 -11.18 -17.39
C PHE B 325 -32.26 -10.69 -17.57
N VAL B 326 -32.40 -9.58 -18.28
CA VAL B 326 -33.74 -9.06 -18.49
C VAL B 326 -34.70 -10.07 -19.10
N ASN B 327 -34.29 -10.70 -20.19
CA ASN B 327 -35.12 -11.70 -20.86
C ASN B 327 -35.48 -12.91 -20.00
N THR B 328 -34.54 -13.40 -19.25
CA THR B 328 -34.84 -14.53 -18.43
C THR B 328 -35.82 -14.17 -17.30
N LEU B 329 -35.65 -12.98 -16.74
CA LEU B 329 -36.54 -12.51 -15.69
C LEU B 329 -37.95 -12.54 -16.28
N GLN B 330 -38.04 -11.85 -17.41
CA GLN B 330 -39.26 -11.70 -18.12
C GLN B 330 -39.80 -13.02 -18.50
N GLU B 331 -38.92 -13.90 -18.89
CA GLU B 331 -39.48 -15.15 -19.29
C GLU B 331 -39.90 -15.98 -18.09
N LYS B 332 -39.56 -15.53 -16.90
CA LYS B 332 -39.93 -16.27 -15.72
C LYS B 332 -41.12 -15.69 -15.00
N GLY B 333 -41.66 -14.64 -15.64
CA GLY B 333 -42.85 -13.93 -15.21
C GLY B 333 -42.62 -12.88 -14.15
N ALA B 334 -41.60 -12.07 -14.31
CA ALA B 334 -41.43 -11.07 -13.30
C ALA B 334 -42.53 -10.02 -13.38
N ASN B 335 -42.87 -9.48 -12.19
CA ASN B 335 -43.86 -8.42 -12.02
C ASN B 335 -43.38 -7.24 -12.83
N ARG B 336 -42.42 -6.56 -12.23
CA ARG B 336 -41.81 -5.40 -12.81
C ARG B 336 -41.20 -5.64 -14.18
N ASP B 337 -40.95 -4.50 -14.83
CA ASP B 337 -40.32 -4.39 -16.11
C ASP B 337 -38.89 -3.88 -15.83
N PHE B 338 -37.91 -4.76 -16.09
CA PHE B 338 -36.49 -4.54 -15.85
C PHE B 338 -35.63 -4.08 -17.05
N SER B 339 -36.21 -3.49 -18.06
CA SER B 339 -35.43 -3.09 -19.18
C SER B 339 -34.47 -1.94 -18.92
N PHE B 340 -34.68 -1.17 -17.85
CA PHE B 340 -33.76 -0.06 -17.61
C PHE B 340 -32.34 -0.61 -17.45
N ILE B 341 -32.33 -1.88 -17.10
CA ILE B 341 -31.15 -2.65 -16.85
C ILE B 341 -30.18 -2.63 -17.99
N ILE B 342 -30.73 -2.50 -19.17
CA ILE B 342 -29.94 -2.45 -20.37
C ILE B 342 -29.30 -1.09 -20.62
N LYS B 343 -29.85 -0.03 -20.07
CA LYS B 343 -29.27 1.27 -20.31
C LYS B 343 -28.16 1.58 -19.32
N GLN B 344 -27.92 0.64 -18.42
CA GLN B 344 -26.89 0.78 -17.40
C GLN B 344 -25.54 0.27 -17.92
N ASN B 345 -24.42 0.86 -17.47
CA ASN B 345 -23.17 0.34 -17.94
C ASN B 345 -22.32 -0.19 -16.86
N GLY B 346 -21.34 -1.01 -17.25
CA GLY B 346 -20.36 -1.58 -16.33
C GLY B 346 -20.74 -2.90 -15.70
N MET B 347 -20.12 -3.25 -14.60
CA MET B 347 -20.43 -4.52 -14.00
C MET B 347 -21.74 -4.61 -13.26
N PHE B 348 -22.21 -3.52 -12.73
CA PHE B 348 -23.40 -3.63 -11.94
C PHE B 348 -24.63 -3.13 -12.61
N SER B 349 -25.66 -3.21 -11.76
CA SER B 349 -27.02 -2.82 -11.99
C SER B 349 -27.69 -2.56 -10.65
N PHE B 350 -28.47 -1.50 -10.63
CA PHE B 350 -29.23 -1.17 -9.45
C PHE B 350 -30.56 -1.85 -9.74
N SER B 351 -30.74 -2.97 -9.10
CA SER B 351 -31.88 -3.76 -9.40
C SER B 351 -33.17 -3.27 -8.86
N GLY B 352 -33.11 -2.42 -7.85
CA GLY B 352 -34.36 -1.94 -7.30
C GLY B 352 -35.05 -3.00 -6.41
N LEU B 353 -34.28 -3.75 -5.69
CA LEU B 353 -34.87 -4.69 -4.81
C LEU B 353 -34.71 -4.07 -3.43
N THR B 354 -35.70 -4.29 -2.56
CA THR B 354 -35.64 -3.74 -1.23
C THR B 354 -34.63 -4.42 -0.35
N LYS B 355 -34.36 -3.80 0.79
CA LYS B 355 -33.43 -4.34 1.73
C LYS B 355 -33.86 -5.76 2.09
N GLU B 356 -35.16 -5.89 2.30
CA GLU B 356 -35.77 -7.14 2.67
C GLU B 356 -35.76 -8.19 1.55
N GLN B 357 -35.92 -7.77 0.32
CA GLN B 357 -35.88 -8.77 -0.73
C GLN B 357 -34.46 -9.28 -0.89
N VAL B 358 -33.46 -8.43 -0.71
CA VAL B 358 -32.13 -8.96 -0.86
C VAL B 358 -31.78 -9.90 0.27
N LEU B 359 -32.32 -9.61 1.45
CA LEU B 359 -32.11 -10.42 2.65
C LEU B 359 -32.64 -11.80 2.37
N ARG B 360 -33.86 -11.78 1.94
CA ARG B 360 -34.59 -12.96 1.59
C ARG B 360 -33.85 -13.83 0.59
N LEU B 361 -33.45 -13.23 -0.53
CA LEU B 361 -32.67 -13.88 -1.59
C LEU B 361 -31.53 -14.66 -0.95
N ARG B 362 -30.81 -13.99 -0.09
CA ARG B 362 -29.71 -14.62 0.54
C ARG B 362 -30.07 -15.80 1.36
N GLU B 363 -30.68 -15.55 2.53
CA GLU B 363 -31.05 -16.57 3.49
C GLU B 363 -31.81 -17.70 2.85
N GLU B 364 -32.67 -17.31 2.00
CA GLU B 364 -33.53 -18.28 1.41
C GLU B 364 -33.05 -19.00 0.16
N PHE B 365 -32.44 -18.27 -0.76
CA PHE B 365 -31.99 -18.84 -2.01
C PHE B 365 -30.48 -18.88 -2.20
N GLY B 366 -29.73 -18.30 -1.28
CA GLY B 366 -28.30 -18.31 -1.45
C GLY B 366 -27.75 -17.34 -2.50
N VAL B 367 -28.58 -16.39 -2.96
CA VAL B 367 -28.16 -15.38 -3.92
C VAL B 367 -27.60 -14.18 -3.12
N TYR B 368 -26.38 -13.72 -3.41
CA TYR B 368 -25.80 -12.63 -2.67
C TYR B 368 -25.77 -11.34 -3.42
N ALA B 369 -26.64 -10.41 -3.05
CA ALA B 369 -26.60 -9.11 -3.65
C ALA B 369 -26.37 -8.17 -2.50
N VAL B 370 -25.89 -6.94 -2.77
CA VAL B 370 -25.63 -5.92 -1.74
C VAL B 370 -26.96 -5.37 -1.28
N ALA B 371 -27.04 -4.93 -0.03
CA ALA B 371 -28.31 -4.44 0.48
C ALA B 371 -28.91 -3.32 -0.35
N SER B 372 -28.04 -2.58 -1.07
CA SER B 372 -28.54 -1.51 -1.88
C SER B 372 -29.36 -2.09 -3.02
N GLY B 373 -29.33 -3.41 -3.12
CA GLY B 373 -30.02 -4.11 -4.19
C GLY B 373 -29.10 -4.11 -5.42
N ARG B 374 -27.83 -3.74 -5.23
CA ARG B 374 -26.87 -3.71 -6.29
C ARG B 374 -26.48 -5.14 -6.59
N VAL B 375 -26.70 -5.51 -7.84
CA VAL B 375 -26.39 -6.84 -8.38
C VAL B 375 -25.16 -6.78 -9.32
N ASN B 376 -24.20 -7.71 -9.15
CA ASN B 376 -23.01 -7.77 -10.01
C ASN B 376 -23.33 -8.56 -11.25
N VAL B 377 -23.64 -7.92 -12.36
CA VAL B 377 -23.98 -8.63 -13.57
C VAL B 377 -22.86 -9.57 -14.06
N ALA B 378 -21.61 -9.09 -13.97
CA ALA B 378 -20.44 -9.85 -14.39
C ALA B 378 -20.29 -11.14 -13.62
N GLY B 379 -21.16 -11.36 -12.67
CA GLY B 379 -21.11 -12.57 -11.86
C GLY B 379 -22.16 -13.57 -12.31
N MET B 380 -22.94 -13.18 -13.32
CA MET B 380 -23.98 -13.98 -13.90
C MET B 380 -23.45 -14.81 -15.06
N THR B 381 -23.98 -16.02 -15.19
CA THR B 381 -23.58 -16.91 -16.25
C THR B 381 -24.75 -17.70 -16.74
N PRO B 382 -24.70 -18.10 -18.01
CA PRO B 382 -25.75 -18.87 -18.62
C PRO B 382 -26.11 -20.05 -17.78
N ASP B 383 -25.18 -20.54 -17.03
CA ASP B 383 -25.56 -21.64 -16.22
C ASP B 383 -26.35 -21.24 -14.98
N ASN B 384 -25.97 -20.14 -14.30
CA ASN B 384 -26.72 -19.77 -13.11
C ASN B 384 -27.89 -18.87 -13.39
N MET B 385 -28.02 -18.41 -14.63
CA MET B 385 -29.08 -17.48 -14.97
C MET B 385 -30.48 -17.88 -14.64
N ALA B 386 -30.72 -19.15 -14.63
CA ALA B 386 -32.07 -19.61 -14.41
C ALA B 386 -32.43 -19.65 -12.98
N PRO B 387 -31.57 -20.25 -12.20
CA PRO B 387 -31.80 -20.31 -10.78
C PRO B 387 -31.80 -18.91 -10.17
N LEU B 388 -30.93 -18.05 -10.69
CA LEU B 388 -30.80 -16.70 -10.24
C LEU B 388 -32.08 -15.97 -10.43
N CYS B 389 -32.61 -16.11 -11.66
CA CYS B 389 -33.84 -15.48 -12.10
C CYS B 389 -35.09 -16.05 -11.48
N GLU B 390 -34.93 -17.13 -10.80
CA GLU B 390 -36.12 -17.60 -10.22
C GLU B 390 -36.25 -17.07 -8.83
N ALA B 391 -35.15 -17.09 -8.10
CA ALA B 391 -35.19 -16.58 -6.77
C ALA B 391 -35.67 -15.13 -6.76
N ILE B 392 -35.21 -14.34 -7.72
CA ILE B 392 -35.58 -12.96 -7.85
C ILE B 392 -37.07 -12.90 -7.98
N VAL B 393 -37.60 -13.70 -8.90
CA VAL B 393 -39.02 -13.74 -9.13
C VAL B 393 -39.83 -14.20 -7.92
N ALA B 394 -39.21 -15.01 -7.11
CA ALA B 394 -39.89 -15.50 -5.93
C ALA B 394 -39.91 -14.45 -4.83
N VAL B 395 -39.15 -13.38 -4.98
CA VAL B 395 -39.15 -12.42 -3.93
C VAL B 395 -39.88 -11.17 -4.32
N LEU B 396 -40.22 -11.07 -5.57
CA LEU B 396 -40.90 -9.89 -5.99
C LEU B 396 -42.35 -9.69 -5.55
#